data_5M99
#
_entry.id   5M99
#
_cell.length_a   153.237
_cell.length_b   153.237
_cell.length_c   143.056
_cell.angle_alpha   90.00
_cell.angle_beta   90.00
_cell.angle_gamma   120.00
#
_symmetry.space_group_name_H-M   'P 65'
#
loop_
_entity.id
_entity.type
_entity.pdbx_description
1 polymer Alpha-amylase
2 polymer Alpha-amylase
3 non-polymer 'SODIUM ION'
4 non-polymer 'POTASSIUM ION'
5 non-polymer 'CALCIUM ION'
6 non-polymer 1,2-ETHANEDIOL
7 non-polymer 2-AMINO-2-HYDROXYMETHYL-PROPANE-1,3-DIOL
8 water water
#
loop_
_entity_poly.entity_id
_entity_poly.type
_entity_poly.pdbx_seq_one_letter_code
_entity_poly.pdbx_strand_id
1 'polypeptide(L)'
;NEVKYPVVYEIFIRSLYDSDGDGVGDINGVSQKVDYLRKLGIDAVWFMPFNEAVSYHGYDITDYYNVEKDYGTMEDLENM
IQVLHENGIKVIMDLVINHTSDEHPWFKDAVENTTSSPYWDYYIMSLEDHSGQDHWHWKINSKGQKVWYFGLFGYNMPDL
NHDSQKVREEVKKIVDFWISKGVDGFRIDAAKHIYGWSWDDGIQESAEYFEWFRDYVLSKKPDAILVGEVFSGNTYDLSL
YPIPVFNFALMYSIRNYPEGQDGMIENNWVEESFLFLENHDLHRFFSHLQEHYKKFSESDYEFIKKRAALWYFLIFTLKG
SPVIYYGGEIGTRGFKWHGPVYDEPVREPMQWYASGTGEGQTFWTKEVYKNAGITFGNADVDGCIYDDPYDGFSVEEQEN
DPKSLLNFIRFILNFRKDHDAILNGDQTIFRDWKNLIAFYRESSNEKLLVVLNPDPVWQNSFTFEENMTMILEVDFENFI
WNESNVSFSAGESFTVDPMKAYIFKK
;
A
2 'polypeptide(L)'
;EVKYPVVYEIFIRSLYDSDGDGVGDINGVSQKVDYLRKLGIDAVWFMPFNEAVSYHGYDITDYYNVEKDYGTMEDLENMI
QVLHENGIKVIMDLVINHTSDEHPWFKDAVENTTSSPYWDYYIMSLEDHSGQDHWHWKINSKGQKVWYFGLFGYNMPDLN
HDSQKVREEVKKIVDFWISKGVDGFRIDAAKHIYGWSWDDGIQESAEYFEWFRDYVLSKKPDAILVGEVFSGNTYDLSLY
PIPVFNFALMYSIRNYPEGQDGMIENNWVEESFLFLENHDLHRFFSHLQEHYKKFSESDYEFIKKRAALWYFLIFTLKGS
PVIYYGGEIGTRGFKWHGPVYDEPVREPMQWYASGTGEGQTFWTKEVYKNAGITFGNADVDGCIYDDPYDGFSVEEQEND
PKSLLNFIRFILNFRKDHDAILNGDQTIFRDWKNLIAFYRESSNEKLLVVLNPDPVWQNSFTFEENMTMILEVDFENFIW
NESNVSFSAGESFTVDPMKAYIFKK
;
B
#
loop_
_chem_comp.id
_chem_comp.type
_chem_comp.name
_chem_comp.formula
CA non-polymer 'CALCIUM ION' 'Ca 2'
EDO non-polymer 1,2-ETHANEDIOL 'C2 H6 O2'
K non-polymer 'POTASSIUM ION' 'K 1'
NA non-polymer 'SODIUM ION' 'Na 1'
TRS non-polymer 2-AMINO-2-HYDROXYMETHYL-PROPANE-1,3-DIOL 'C4 H12 N O3 1'
#
# COMPACT_ATOMS: atom_id res chain seq x y z
N ASN A 1 32.02 24.05 -10.66
CA ASN A 1 31.42 23.99 -9.33
C ASN A 1 29.99 23.46 -9.33
N GLU A 2 29.68 22.60 -10.30
CA GLU A 2 28.33 22.11 -10.51
C GLU A 2 28.00 20.91 -9.60
N VAL A 3 26.71 20.75 -9.31
CA VAL A 3 26.21 19.56 -8.61
C VAL A 3 25.03 19.02 -9.42
N LYS A 4 25.26 17.88 -10.05
CA LYS A 4 24.26 17.24 -10.89
C LYS A 4 23.16 16.63 -10.04
N TYR A 5 23.49 16.21 -8.81
CA TYR A 5 22.53 15.47 -7.98
C TYR A 5 22.37 16.10 -6.61
N PRO A 6 21.77 17.30 -6.58
CA PRO A 6 21.57 18.01 -5.31
C PRO A 6 20.63 17.27 -4.36
N VAL A 7 20.84 17.45 -3.06
CA VAL A 7 19.93 16.95 -2.05
C VAL A 7 18.75 17.92 -1.93
N VAL A 8 17.54 17.41 -2.05
CA VAL A 8 16.32 18.22 -2.03
C VAL A 8 15.56 18.01 -0.72
N TYR A 9 15.04 19.10 -0.16
CA TYR A 9 14.23 19.04 1.04
C TYR A 9 12.83 19.52 0.68
N GLU A 10 11.82 18.68 0.94
CA GLU A 10 10.45 19.03 0.57
C GLU A 10 9.73 19.73 1.73
N ILE A 11 9.36 20.99 1.52
CA ILE A 11 8.74 21.79 2.58
C ILE A 11 7.27 22.10 2.31
N PHE A 12 6.43 21.81 3.30
CA PHE A 12 5.06 22.32 3.34
C PHE A 12 5.10 23.62 4.16
N ILE A 13 5.01 24.76 3.50
CA ILE A 13 5.23 26.04 4.17
C ILE A 13 4.32 26.18 5.40
N ARG A 14 3.05 25.82 5.25
CA ARG A 14 2.06 25.89 6.33
C ARG A 14 2.52 25.21 7.63
N SER A 15 3.39 24.21 7.50
CA SER A 15 3.74 23.40 8.66
CA SER A 15 3.75 23.38 8.64
C SER A 15 5.19 23.59 9.13
N LEU A 16 5.92 24.53 8.55
CA LEU A 16 7.34 24.62 8.93
C LEU A 16 7.54 25.61 10.11
N TYR A 17 7.40 26.90 9.84
CA TYR A 17 7.76 27.92 10.84
C TYR A 17 6.92 29.18 10.71
N ASP A 18 6.22 29.50 11.80
CA ASP A 18 5.29 30.63 11.86
C ASP A 18 6.02 31.87 12.38
N SER A 19 6.17 32.88 11.53
CA SER A 19 6.97 34.04 11.91
C SER A 19 6.15 35.21 12.48
N ASP A 20 4.83 35.15 12.37
CA ASP A 20 4.01 36.25 12.90
C ASP A 20 2.97 35.82 13.94
N GLY A 21 2.97 34.55 14.34
CA GLY A 21 2.21 34.12 15.50
C GLY A 21 0.79 33.62 15.28
N ASP A 22 0.33 33.56 14.03
CA ASP A 22 -1.03 33.07 13.79
C ASP A 22 -1.12 31.54 13.78
N GLY A 23 0.01 30.86 13.92
CA GLY A 23 0.01 29.40 13.95
C GLY A 23 0.17 28.76 12.57
N VAL A 24 0.24 29.61 11.56
CA VAL A 24 0.37 29.16 10.19
C VAL A 24 1.81 29.39 9.73
N GLY A 25 2.48 28.32 9.31
CA GLY A 25 3.83 28.46 8.79
C GLY A 25 3.83 29.39 7.60
N ASP A 26 4.84 30.24 7.49
CA ASP A 26 4.85 31.22 6.41
C ASP A 26 6.24 31.38 5.80
N ILE A 27 6.29 32.14 4.72
CA ILE A 27 7.51 32.32 3.93
C ILE A 27 8.65 32.98 4.71
N ASN A 28 8.33 34.01 5.52
CA ASN A 28 9.36 34.61 6.36
C ASN A 28 9.88 33.62 7.39
N GLY A 29 9.00 32.72 7.81
CA GLY A 29 9.39 31.63 8.70
C GLY A 29 10.45 30.75 8.05
N VAL A 30 10.28 30.46 6.77
CA VAL A 30 11.28 29.67 6.05
C VAL A 30 12.65 30.36 6.09
N SER A 31 12.67 31.66 5.78
CA SER A 31 13.91 32.44 5.82
C SER A 31 14.58 32.32 7.20
N GLN A 32 13.79 32.42 8.26
CA GLN A 32 14.35 32.37 9.60
CA GLN A 32 14.29 32.35 9.63
C GLN A 32 14.95 31.00 9.93
N LYS A 33 14.57 29.97 9.19
CA LYS A 33 15.10 28.66 9.45
C LYS A 33 16.18 28.22 8.45
N VAL A 34 16.75 29.19 7.73
CA VAL A 34 17.70 28.85 6.69
C VAL A 34 18.97 28.21 7.27
N ASP A 35 19.34 28.56 8.51
CA ASP A 35 20.56 28.01 9.10
C ASP A 35 20.40 26.51 9.34
N TYR A 36 19.23 26.12 9.84
CA TYR A 36 18.92 24.70 10.05
C TYR A 36 19.05 23.90 8.74
N LEU A 37 18.49 24.44 7.66
CA LEU A 37 18.54 23.78 6.35
C LEU A 37 19.97 23.66 5.82
N ARG A 38 20.72 24.76 5.91
CA ARG A 38 22.10 24.74 5.43
C ARG A 38 22.90 23.70 6.22
N LYS A 39 22.74 23.72 7.54
CA LYS A 39 23.51 22.85 8.43
C LYS A 39 23.11 21.39 8.25
N LEU A 40 21.85 21.15 7.91
CA LEU A 40 21.38 19.79 7.63
C LEU A 40 22.12 19.19 6.43
N GLY A 41 22.45 20.03 5.46
CA GLY A 41 23.20 19.57 4.29
C GLY A 41 22.36 19.57 3.03
N ILE A 42 21.26 20.33 3.06
CA ILE A 42 20.34 20.48 1.94
C ILE A 42 20.94 21.35 0.82
N ASP A 43 20.72 20.99 -0.44
CA ASP A 43 21.15 21.80 -1.59
C ASP A 43 20.01 22.59 -2.23
N ALA A 44 18.79 22.10 -2.06
CA ALA A 44 17.65 22.73 -2.72
C ALA A 44 16.40 22.46 -1.92
N VAL A 45 15.46 23.38 -1.98
CA VAL A 45 14.16 23.18 -1.35
CA VAL A 45 14.17 23.13 -1.37
C VAL A 45 13.08 23.10 -2.42
N TRP A 46 12.26 22.06 -2.37
CA TRP A 46 11.06 22.03 -3.16
C TRP A 46 9.91 22.40 -2.20
N PHE A 47 9.23 23.50 -2.50
CA PHE A 47 8.07 23.93 -1.72
C PHE A 47 6.79 23.35 -2.30
N MET A 48 5.92 22.81 -1.45
CA MET A 48 4.54 22.59 -1.89
C MET A 48 3.95 23.95 -2.32
N PRO A 49 2.86 23.94 -3.12
CA PRO A 49 2.45 25.14 -3.85
C PRO A 49 2.25 26.38 -2.99
N PHE A 50 2.82 27.51 -3.42
CA PHE A 50 2.71 28.75 -2.65
C PHE A 50 1.89 29.80 -3.39
N ASN A 51 1.23 29.37 -4.47
CA ASN A 51 0.34 30.26 -5.23
C ASN A 51 -0.99 30.42 -4.51
N GLU A 52 -1.72 31.47 -4.87
CA GLU A 52 -3.06 31.68 -4.33
C GLU A 52 -3.92 30.46 -4.68
N ALA A 53 -4.55 29.86 -3.67
CA ALA A 53 -5.26 28.60 -3.86
C ALA A 53 -6.38 28.43 -2.84
N VAL A 54 -7.37 27.60 -3.15
CA VAL A 54 -8.51 27.43 -2.25
C VAL A 54 -8.20 26.62 -1.00
N SER A 55 -7.53 25.48 -1.17
CA SER A 55 -7.36 24.53 -0.08
C SER A 55 -6.03 24.69 0.64
N TYR A 56 -5.95 24.16 1.85
CA TYR A 56 -4.76 24.26 2.71
C TYR A 56 -3.49 23.73 2.03
N HIS A 57 -3.62 22.73 1.16
CA HIS A 57 -2.43 22.10 0.55
C HIS A 57 -1.89 22.89 -0.64
N GLY A 58 -2.73 23.71 -1.25
CA GLY A 58 -2.30 24.58 -2.35
C GLY A 58 -2.44 24.04 -3.78
N TYR A 59 -2.96 22.83 -3.95
CA TYR A 59 -2.98 22.24 -5.31
C TYR A 59 -4.19 22.65 -6.17
N ASP A 60 -5.08 23.48 -5.61
CA ASP A 60 -6.19 24.02 -6.40
C ASP A 60 -6.08 25.54 -6.57
N ILE A 61 -5.33 25.95 -7.58
CA ILE A 61 -4.85 27.32 -7.72
C ILE A 61 -5.85 28.28 -8.35
N THR A 62 -5.90 29.51 -7.83
CA THR A 62 -6.75 30.55 -8.38
C THR A 62 -5.96 31.73 -8.98
N ASP A 63 -4.65 31.75 -8.74
CA ASP A 63 -3.77 32.75 -9.33
C ASP A 63 -2.33 32.22 -9.39
N TYR A 64 -1.83 32.01 -10.61
CA TYR A 64 -0.48 31.52 -10.82
C TYR A 64 0.56 32.61 -10.60
N TYR A 65 0.12 33.86 -10.52
CA TYR A 65 1.07 34.97 -10.49
C TYR A 65 1.09 35.70 -9.16
N ASN A 66 0.41 35.15 -8.17
CA ASN A 66 0.44 35.72 -6.84
C ASN A 66 0.66 34.68 -5.74
N VAL A 67 1.15 35.14 -4.60
CA VAL A 67 1.47 34.26 -3.48
C VAL A 67 0.25 34.08 -2.60
N GLU A 68 0.07 32.87 -2.09
CA GLU A 68 -0.98 32.61 -1.10
C GLU A 68 -0.82 33.51 0.12
N LYS A 69 -1.89 34.22 0.49
CA LYS A 69 -1.84 35.23 1.54
C LYS A 69 -1.54 34.64 2.91
N ASP A 70 -1.99 33.42 3.16
CA ASP A 70 -1.63 32.71 4.39
C ASP A 70 -0.12 32.60 4.59
N TYR A 71 0.62 32.62 3.49
CA TYR A 71 2.06 32.39 3.52
C TYR A 71 2.85 33.68 3.51
N GLY A 72 2.22 34.76 3.05
CA GLY A 72 2.89 36.04 3.01
C GLY A 72 2.68 36.76 1.70
N THR A 73 3.66 37.57 1.32
CA THR A 73 3.56 38.42 0.15
C THR A 73 4.59 38.06 -0.91
N MET A 74 4.45 38.66 -2.09
CA MET A 74 5.43 38.48 -3.15
C MET A 74 6.80 38.98 -2.69
N GLU A 75 6.81 40.05 -1.91
CA GLU A 75 8.06 40.61 -1.41
C GLU A 75 8.71 39.64 -0.42
N ASP A 76 7.90 39.05 0.46
CA ASP A 76 8.37 37.97 1.33
C ASP A 76 9.05 36.87 0.51
N LEU A 77 8.40 36.46 -0.57
CA LEU A 77 8.90 35.35 -1.38
C LEU A 77 10.23 35.69 -2.04
N GLU A 78 10.32 36.88 -2.61
CA GLU A 78 11.55 37.34 -3.24
C GLU A 78 12.70 37.40 -2.23
N ASN A 79 12.44 37.91 -1.04
CA ASN A 79 13.45 37.97 0.01
CA ASN A 79 13.47 37.97 -0.02
C ASN A 79 13.87 36.58 0.44
N MET A 80 12.90 35.68 0.54
CA MET A 80 13.20 34.32 0.95
C MET A 80 14.06 33.60 -0.09
N ILE A 81 13.75 33.79 -1.37
CA ILE A 81 14.58 33.22 -2.42
C ILE A 81 16.01 33.77 -2.32
N GLN A 82 16.11 35.07 -2.03
CA GLN A 82 17.40 35.71 -1.85
C GLN A 82 18.19 35.08 -0.68
N VAL A 83 17.51 34.90 0.45
CA VAL A 83 18.15 34.36 1.64
C VAL A 83 18.67 32.95 1.38
N LEU A 84 17.82 32.10 0.80
CA LEU A 84 18.24 30.74 0.50
C LEU A 84 19.42 30.74 -0.48
N HIS A 85 19.33 31.57 -1.52
CA HIS A 85 20.41 31.69 -2.50
C HIS A 85 21.73 32.08 -1.82
N GLU A 86 21.65 33.01 -0.86
CA GLU A 86 22.84 33.48 -0.14
C GLU A 86 23.45 32.38 0.73
N ASN A 87 22.65 31.35 1.01
CA ASN A 87 23.12 30.23 1.80
C ASN A 87 23.40 28.98 0.96
N GLY A 88 23.49 29.15 -0.35
CA GLY A 88 23.80 28.06 -1.25
C GLY A 88 22.66 27.07 -1.47
N ILE A 89 21.43 27.53 -1.26
CA ILE A 89 20.26 26.66 -1.40
C ILE A 89 19.37 27.12 -2.56
N LYS A 90 19.10 26.21 -3.51
CA LYS A 90 18.22 26.52 -4.63
C LYS A 90 16.74 26.38 -4.27
N VAL A 91 15.88 26.94 -5.12
CA VAL A 91 14.44 26.96 -4.87
C VAL A 91 13.70 26.28 -6.02
N ILE A 92 12.96 25.23 -5.70
CA ILE A 92 12.17 24.50 -6.68
C ILE A 92 10.68 24.74 -6.43
N MET A 93 10.00 25.27 -7.44
CA MET A 93 8.59 25.63 -7.32
C MET A 93 7.70 24.47 -7.76
N ASP A 94 6.62 24.24 -7.01
CA ASP A 94 5.63 23.23 -7.36
C ASP A 94 4.73 23.85 -8.43
N LEU A 95 4.82 23.32 -9.65
CA LEU A 95 4.09 23.88 -10.79
C LEU A 95 2.85 23.04 -11.07
N VAL A 96 1.68 23.59 -10.80
CA VAL A 96 0.44 22.83 -10.84
C VAL A 96 -0.38 23.23 -12.07
N ILE A 97 -0.06 22.62 -13.21
CA ILE A 97 -0.65 23.05 -14.47
C ILE A 97 -1.53 22.00 -15.12
N ASN A 98 -1.82 20.92 -14.40
CA ASN A 98 -2.78 19.97 -14.91
C ASN A 98 -4.22 20.51 -14.83
N HIS A 99 -4.46 21.36 -13.84
CA HIS A 99 -5.81 21.77 -13.52
C HIS A 99 -5.73 23.06 -12.73
N THR A 100 -6.86 23.76 -12.64
CA THR A 100 -6.95 24.90 -11.74
C THR A 100 -8.12 24.64 -10.80
N SER A 101 -8.30 25.53 -9.83
CA SER A 101 -9.55 25.55 -9.07
C SER A 101 -10.74 25.95 -9.97
N ASP A 102 -11.94 25.50 -9.61
CA ASP A 102 -13.13 26.01 -10.29
C ASP A 102 -13.43 27.45 -9.85
N GLU A 103 -12.65 27.96 -8.89
CA GLU A 103 -12.78 29.35 -8.48
C GLU A 103 -11.71 30.23 -9.13
N HIS A 104 -10.92 29.66 -10.03
CA HIS A 104 -9.98 30.45 -10.80
C HIS A 104 -10.76 31.41 -11.70
N PRO A 105 -10.36 32.69 -11.75
CA PRO A 105 -11.07 33.66 -12.59
C PRO A 105 -11.15 33.25 -14.07
N TRP A 106 -10.16 32.51 -14.59
CA TRP A 106 -10.22 32.05 -15.98
C TRP A 106 -11.42 31.14 -16.22
N PHE A 107 -11.59 30.18 -15.30
CA PHE A 107 -12.67 29.21 -15.38
C PHE A 107 -14.02 29.88 -15.20
N LYS A 108 -14.10 30.80 -14.25
CA LYS A 108 -15.35 31.51 -13.98
C LYS A 108 -15.80 32.26 -15.24
N ASP A 109 -14.84 32.91 -15.90
CA ASP A 109 -15.12 33.62 -17.15
C ASP A 109 -15.55 32.68 -18.27
N ALA A 110 -14.89 31.53 -18.38
CA ALA A 110 -15.25 30.55 -19.38
C ALA A 110 -16.66 30.01 -19.17
N VAL A 111 -17.03 29.75 -17.92
CA VAL A 111 -18.38 29.28 -17.61
C VAL A 111 -19.42 30.35 -17.94
N GLU A 112 -19.11 31.59 -17.57
CA GLU A 112 -20.08 32.68 -17.70
C GLU A 112 -20.25 33.15 -19.14
N ASN A 113 -19.14 33.29 -19.88
CA ASN A 113 -19.20 33.85 -21.23
C ASN A 113 -19.03 32.83 -22.34
N THR A 114 -18.89 31.57 -21.93
CA THR A 114 -18.74 30.42 -22.81
C THR A 114 -17.82 30.74 -24.00
N THR A 115 -18.29 30.47 -25.21
CA THR A 115 -17.43 30.56 -26.39
C THR A 115 -16.94 31.98 -26.71
N SER A 116 -17.44 32.97 -25.98
CA SER A 116 -16.96 34.34 -26.17
C SER A 116 -15.86 34.69 -25.17
N SER A 117 -15.59 33.76 -24.25
CA SER A 117 -14.50 33.95 -23.30
C SER A 117 -13.15 33.61 -23.93
N PRO A 118 -12.14 34.46 -23.70
CA PRO A 118 -10.76 34.15 -24.09
C PRO A 118 -10.28 32.84 -23.46
N TYR A 119 -10.92 32.42 -22.36
CA TYR A 119 -10.46 31.25 -21.61
C TYR A 119 -11.27 29.98 -21.87
N TRP A 120 -12.21 30.05 -22.81
CA TRP A 120 -13.00 28.89 -23.18
C TRP A 120 -12.10 27.75 -23.67
N ASP A 121 -11.06 28.10 -24.42
CA ASP A 121 -10.12 27.11 -24.95
C ASP A 121 -9.16 26.59 -23.89
N TYR A 122 -9.07 27.28 -22.75
CA TYR A 122 -8.16 26.88 -21.66
C TYR A 122 -8.61 25.60 -20.97
N TYR A 123 -9.90 25.30 -21.05
CA TYR A 123 -10.43 24.13 -20.36
C TYR A 123 -11.03 23.14 -21.33
N ILE A 124 -11.47 22.01 -20.80
CA ILE A 124 -12.08 20.99 -21.63
C ILE A 124 -13.58 21.11 -21.40
N MET A 125 -14.20 21.97 -22.20
CA MET A 125 -15.55 22.43 -21.94
C MET A 125 -16.46 22.22 -23.13
N SER A 126 -17.76 22.18 -22.87
CA SER A 126 -18.74 21.88 -23.90
C SER A 126 -20.12 22.31 -23.47
N LEU A 127 -20.93 22.67 -24.46
CA LEU A 127 -22.33 23.01 -24.22
C LEU A 127 -23.22 21.82 -24.53
N GLU A 128 -22.62 20.77 -25.08
CA GLU A 128 -23.34 19.52 -25.32
C GLU A 128 -23.42 18.70 -24.04
N ASP A 129 -24.50 17.93 -23.91
CA ASP A 129 -24.73 17.15 -22.69
C ASP A 129 -23.68 16.04 -22.54
N HIS A 130 -23.18 15.88 -21.32
CA HIS A 130 -22.22 14.82 -21.04
C HIS A 130 -22.63 14.01 -19.82
N SER A 131 -23.93 13.99 -19.52
CA SER A 131 -24.40 13.33 -18.30
C SER A 131 -24.05 11.84 -18.32
N GLY A 132 -23.66 11.33 -17.16
CA GLY A 132 -23.31 9.94 -17.02
C GLY A 132 -21.89 9.60 -17.42
N GLN A 133 -21.25 10.50 -18.17
CA GLN A 133 -19.85 10.28 -18.55
C GLN A 133 -18.95 10.57 -17.37
N ASP A 134 -18.01 9.65 -17.13
CA ASP A 134 -17.10 9.76 -15.98
C ASP A 134 -16.22 10.99 -16.07
N HIS A 135 -16.07 11.66 -14.93
CA HIS A 135 -15.16 12.80 -14.74
C HIS A 135 -15.64 14.04 -15.48
N TRP A 136 -16.88 14.01 -15.95
CA TRP A 136 -17.51 15.21 -16.51
C TRP A 136 -18.42 15.89 -15.49
N HIS A 137 -18.30 17.19 -15.39
CA HIS A 137 -19.06 17.96 -14.40
C HIS A 137 -19.77 19.12 -15.08
N TRP A 138 -20.63 19.83 -14.35
CA TRP A 138 -21.26 20.99 -14.96
C TRP A 138 -21.53 22.09 -13.96
N LYS A 139 -21.67 23.29 -14.51
CA LYS A 139 -22.09 24.46 -13.76
C LYS A 139 -23.10 25.20 -14.63
N ILE A 140 -24.03 25.91 -14.01
CA ILE A 140 -24.98 26.68 -14.79
C ILE A 140 -24.66 28.15 -14.60
N ASN A 141 -24.53 28.88 -15.71
CA ASN A 141 -24.14 30.29 -15.62
C ASN A 141 -25.34 31.20 -15.40
N SER A 142 -25.11 32.51 -15.41
CA SER A 142 -26.17 33.47 -15.07
C SER A 142 -27.22 33.58 -16.17
N LYS A 143 -26.95 32.99 -17.32
CA LYS A 143 -27.89 33.01 -18.43
C LYS A 143 -28.64 31.68 -18.48
N GLY A 144 -28.38 30.82 -17.50
CA GLY A 144 -29.05 29.54 -17.42
C GLY A 144 -28.53 28.47 -18.36
N GLN A 145 -27.36 28.69 -18.96
CA GLN A 145 -26.78 27.63 -19.80
C GLN A 145 -26.03 26.64 -18.92
N LYS A 146 -26.23 25.34 -19.19
CA LYS A 146 -25.46 24.32 -18.51
C LYS A 146 -24.13 24.14 -19.24
N VAL A 147 -23.04 24.45 -18.55
CA VAL A 147 -21.70 24.30 -19.11
C VAL A 147 -21.03 23.05 -18.56
N TRP A 148 -20.66 22.14 -19.45
CA TRP A 148 -20.00 20.90 -19.07
C TRP A 148 -18.48 21.04 -19.16
N TYR A 149 -17.77 20.35 -18.26
CA TYR A 149 -16.31 20.40 -18.28
C TYR A 149 -15.71 19.15 -17.67
N PHE A 150 -14.53 18.79 -18.17
CA PHE A 150 -13.83 17.60 -17.71
C PHE A 150 -12.95 17.95 -16.50
N GLY A 151 -12.97 17.10 -15.49
CA GLY A 151 -12.20 17.33 -14.28
C GLY A 151 -11.87 15.99 -13.66
N LEU A 152 -10.72 15.44 -14.02
CA LEU A 152 -10.35 14.10 -13.55
C LEU A 152 -10.33 14.04 -12.01
N PHE A 153 -9.79 15.09 -11.39
CA PHE A 153 -9.65 15.12 -9.93
C PHE A 153 -10.94 15.61 -9.23
N GLY A 154 -11.96 15.96 -10.01
CA GLY A 154 -13.22 16.37 -9.41
C GLY A 154 -13.73 17.73 -9.86
N TYR A 155 -14.98 18.03 -9.51
CA TYR A 155 -15.68 19.21 -10.00
C TYR A 155 -14.93 20.51 -9.69
N ASN A 156 -14.21 20.54 -8.58
CA ASN A 156 -13.53 21.77 -8.18
C ASN A 156 -12.10 21.84 -8.71
N MET A 157 -11.77 20.89 -9.60
CA MET A 157 -10.46 20.89 -10.24
CA MET A 157 -10.46 20.81 -10.24
C MET A 157 -10.55 20.68 -11.76
N PRO A 158 -11.15 21.66 -12.46
CA PRO A 158 -11.27 21.54 -13.92
C PRO A 158 -9.90 21.40 -14.62
N ASP A 159 -9.78 20.41 -15.50
CA ASP A 159 -8.56 20.18 -16.26
C ASP A 159 -8.25 21.28 -17.25
N LEU A 160 -6.99 21.69 -17.33
CA LEU A 160 -6.55 22.57 -18.42
C LEU A 160 -6.42 21.77 -19.72
N ASN A 161 -6.65 22.45 -20.84
CA ASN A 161 -6.61 21.82 -22.15
C ASN A 161 -5.24 22.02 -22.82
N HIS A 162 -4.34 21.06 -22.67
CA HIS A 162 -2.97 21.27 -23.14
C HIS A 162 -2.80 21.07 -24.64
N ASP A 163 -3.87 20.65 -25.31
CA ASP A 163 -3.87 20.68 -26.77
C ASP A 163 -4.07 22.10 -27.32
N SER A 164 -4.45 23.04 -26.45
CA SER A 164 -4.56 24.44 -26.87
C SER A 164 -3.23 25.17 -26.84
N GLN A 165 -2.87 25.78 -27.96
CA GLN A 165 -1.63 26.56 -28.01
C GLN A 165 -1.70 27.76 -27.05
N LYS A 166 -2.90 28.28 -26.79
CA LYS A 166 -3.07 29.35 -25.80
C LYS A 166 -2.63 28.90 -24.40
N VAL A 167 -2.89 27.63 -24.08
CA VAL A 167 -2.53 27.12 -22.75
C VAL A 167 -1.03 26.89 -22.71
N ARG A 168 -0.45 26.48 -23.84
CA ARG A 168 1.00 26.33 -23.93
C ARG A 168 1.68 27.68 -23.76
N GLU A 169 1.12 28.72 -24.39
CA GLU A 169 1.65 30.07 -24.23
C GLU A 169 1.51 30.54 -22.79
N GLU A 170 0.39 30.21 -22.16
CA GLU A 170 0.21 30.59 -20.76
C GLU A 170 1.24 29.89 -19.88
N VAL A 171 1.50 28.61 -20.15
CA VAL A 171 2.47 27.89 -19.35
C VAL A 171 3.87 28.52 -19.50
N LYS A 172 4.23 28.90 -20.72
CA LYS A 172 5.49 29.61 -20.97
C LYS A 172 5.59 30.86 -20.12
N LYS A 173 4.47 31.59 -20.04
CA LYS A 173 4.41 32.85 -19.34
C LYS A 173 4.55 32.65 -17.83
N ILE A 174 3.91 31.61 -17.29
CA ILE A 174 4.05 31.29 -15.88
C ILE A 174 5.51 30.96 -15.56
N VAL A 175 6.10 30.12 -16.41
CA VAL A 175 7.49 29.70 -16.25
C VAL A 175 8.42 30.91 -16.30
N ASP A 176 8.29 31.73 -17.34
CA ASP A 176 9.11 32.96 -17.47
C ASP A 176 8.99 33.83 -16.22
N PHE A 177 7.77 34.01 -15.72
CA PHE A 177 7.52 34.85 -14.57
C PHE A 177 8.29 34.38 -13.34
N TRP A 178 8.16 33.10 -13.00
CA TRP A 178 8.78 32.62 -11.77
C TRP A 178 10.31 32.50 -11.92
N ILE A 179 10.78 32.21 -13.12
CA ILE A 179 12.21 32.28 -13.40
C ILE A 179 12.74 33.69 -13.11
N SER A 180 11.98 34.70 -13.52
CA SER A 180 12.36 36.09 -13.28
C SER A 180 12.35 36.45 -11.79
N LYS A 181 11.64 35.66 -10.99
CA LYS A 181 11.67 35.85 -9.54
C LYS A 181 12.85 35.13 -8.88
N GLY A 182 13.65 34.42 -9.66
CA GLY A 182 14.80 33.70 -9.12
C GLY A 182 14.61 32.22 -8.82
N VAL A 183 13.44 31.68 -9.14
CA VAL A 183 13.17 30.25 -8.98
C VAL A 183 14.16 29.41 -9.81
N ASP A 184 14.71 28.36 -9.21
CA ASP A 184 15.75 27.56 -9.84
C ASP A 184 15.26 26.35 -10.61
N GLY A 185 13.99 26.00 -10.43
CA GLY A 185 13.45 24.86 -11.14
C GLY A 185 12.02 24.57 -10.76
N PHE A 186 11.45 23.52 -11.37
CA PHE A 186 10.04 23.19 -11.19
C PHE A 186 9.83 21.71 -10.91
N ARG A 187 8.99 21.43 -9.92
CA ARG A 187 8.46 20.11 -9.70
C ARG A 187 7.06 20.14 -10.36
N ILE A 188 6.81 19.30 -11.37
CA ILE A 188 5.55 19.39 -12.10
CA ILE A 188 5.56 19.38 -12.11
C ILE A 188 4.53 18.40 -11.54
N ASP A 189 3.48 18.96 -10.95
CA ASP A 189 2.41 18.18 -10.32
C ASP A 189 1.62 17.36 -11.33
N ALA A 190 1.22 16.14 -10.96
CA ALA A 190 0.28 15.34 -11.76
C ALA A 190 0.73 15.16 -13.22
N ALA A 191 2.02 14.93 -13.42
CA ALA A 191 2.60 14.85 -14.77
C ALA A 191 2.11 13.62 -15.54
N LYS A 192 1.58 12.65 -14.81
CA LYS A 192 0.96 11.48 -15.38
C LYS A 192 -0.37 11.81 -16.08
N HIS A 193 -0.97 12.96 -15.75
CA HIS A 193 -2.35 13.20 -16.12
C HIS A 193 -2.56 14.35 -17.09
N ILE A 194 -1.47 14.96 -17.55
CA ILE A 194 -1.56 16.07 -18.50
C ILE A 194 -2.52 15.71 -19.62
N TYR A 195 -2.38 14.49 -20.15
CA TYR A 195 -3.37 13.91 -21.07
C TYR A 195 -3.97 12.65 -20.45
N GLY A 196 -5.13 12.25 -20.96
CA GLY A 196 -5.79 11.03 -20.52
C GLY A 196 -7.24 11.26 -20.16
N TRP A 197 -8.11 10.37 -20.62
CA TRP A 197 -9.53 10.50 -20.32
C TRP A 197 -9.94 9.71 -19.08
N SER A 198 -8.98 9.03 -18.48
CA SER A 198 -9.19 8.32 -17.22
C SER A 198 -7.88 8.32 -16.45
N TRP A 199 -7.86 7.70 -15.27
CA TRP A 199 -6.69 7.77 -14.40
C TRP A 199 -5.43 7.20 -15.04
N ASP A 200 -5.55 6.05 -15.71
CA ASP A 200 -4.38 5.35 -16.25
C ASP A 200 -4.30 5.43 -17.78
N ASP A 201 -4.97 6.43 -18.33
CA ASP A 201 -5.00 6.69 -19.75
C ASP A 201 -3.96 7.75 -20.11
N GLY A 202 -3.35 7.68 -21.28
CA GLY A 202 -2.55 8.80 -21.76
C GLY A 202 -1.19 9.11 -21.12
N ILE A 203 -0.56 8.12 -20.50
CA ILE A 203 0.77 8.32 -19.96
C ILE A 203 1.80 8.62 -21.09
N GLN A 204 1.68 8.00 -22.26
CA GLN A 204 2.64 8.26 -23.34
C GLN A 204 2.48 9.67 -23.88
N GLU A 205 1.22 10.09 -24.04
CA GLU A 205 0.94 11.44 -24.50
C GLU A 205 1.41 12.47 -23.46
N SER A 206 1.27 12.15 -22.18
CA SER A 206 1.75 13.06 -21.13
C SER A 206 3.28 13.18 -21.17
N ALA A 207 3.97 12.06 -21.33
CA ALA A 207 5.42 12.08 -21.44
C ALA A 207 5.86 12.94 -22.63
N GLU A 208 5.19 12.76 -23.76
CA GLU A 208 5.53 13.51 -24.97
C GLU A 208 5.40 15.01 -24.73
N TYR A 209 4.36 15.42 -24.01
CA TYR A 209 4.17 16.82 -23.64
C TYR A 209 5.39 17.44 -23.01
N PHE A 210 6.15 16.67 -22.23
CA PHE A 210 7.27 17.27 -21.50
C PHE A 210 8.54 17.43 -22.34
N GLU A 211 8.52 16.93 -23.58
CA GLU A 211 9.61 17.24 -24.50
C GLU A 211 9.61 18.74 -24.82
N TRP A 212 8.45 19.26 -25.23
CA TRP A 212 8.26 20.67 -25.49
CA TRP A 212 8.38 20.69 -25.53
C TRP A 212 8.58 21.49 -24.24
N PHE A 213 8.04 21.04 -23.12
CA PHE A 213 8.18 21.78 -21.85
C PHE A 213 9.66 21.89 -21.44
N ARG A 214 10.35 20.76 -21.46
CA ARG A 214 11.78 20.72 -21.14
CA ARG A 214 11.78 20.72 -21.14
C ARG A 214 12.56 21.63 -22.09
N ASP A 215 12.35 21.45 -23.38
CA ASP A 215 13.03 22.27 -24.39
C ASP A 215 12.81 23.75 -24.12
N TYR A 216 11.59 24.14 -23.77
CA TYR A 216 11.32 25.55 -23.53
C TYR A 216 12.02 26.05 -22.29
N VAL A 217 11.88 25.33 -21.17
CA VAL A 217 12.46 25.80 -19.92
C VAL A 217 13.99 25.91 -20.05
N LEU A 218 14.61 24.89 -20.61
CA LEU A 218 16.06 24.87 -20.70
C LEU A 218 16.57 25.92 -21.68
N SER A 219 15.74 26.29 -22.65
CA SER A 219 16.07 27.38 -23.57
C SER A 219 16.15 28.71 -22.83
N LYS A 220 15.32 28.85 -21.80
CA LYS A 220 15.27 30.07 -21.00
C LYS A 220 16.27 30.04 -19.85
N LYS A 221 16.56 28.83 -19.33
CA LYS A 221 17.44 28.67 -18.19
C LYS A 221 18.05 27.28 -18.22
N PRO A 222 19.21 27.16 -18.87
CA PRO A 222 19.87 25.89 -19.20
C PRO A 222 20.18 25.02 -17.98
N ASP A 223 20.36 25.64 -16.81
CA ASP A 223 20.70 24.88 -15.61
C ASP A 223 19.49 24.66 -14.68
N ALA A 224 18.28 24.87 -15.21
CA ALA A 224 17.09 24.69 -14.39
C ALA A 224 16.91 23.25 -13.91
N ILE A 225 16.46 23.08 -12.69
CA ILE A 225 16.10 21.76 -12.21
C ILE A 225 14.67 21.42 -12.66
N LEU A 226 14.48 20.22 -13.19
CA LEU A 226 13.15 19.74 -13.55
C LEU A 226 12.91 18.40 -12.92
N VAL A 227 11.72 18.19 -12.35
CA VAL A 227 11.34 16.86 -11.91
C VAL A 227 9.81 16.71 -11.99
N GLY A 228 9.36 15.66 -12.63
CA GLY A 228 7.92 15.44 -12.79
C GLY A 228 7.39 14.50 -11.72
N GLU A 229 6.22 14.81 -11.18
CA GLU A 229 5.53 13.86 -10.32
C GLU A 229 4.69 12.91 -11.16
N VAL A 230 5.21 11.71 -11.40
CA VAL A 230 4.49 10.69 -12.15
C VAL A 230 4.11 9.59 -11.17
N PHE A 231 2.85 9.60 -10.74
CA PHE A 231 2.47 8.77 -9.60
C PHE A 231 2.25 7.33 -10.05
N SER A 232 3.35 6.60 -10.22
CA SER A 232 3.31 5.24 -10.73
C SER A 232 4.51 4.45 -10.24
N GLY A 233 4.29 3.19 -9.86
CA GLY A 233 5.39 2.35 -9.44
C GLY A 233 6.04 1.54 -10.55
N ASN A 234 5.63 1.80 -11.79
CA ASN A 234 6.12 1.04 -12.93
C ASN A 234 7.32 1.72 -13.58
N THR A 235 8.49 1.08 -13.57
CA THR A 235 9.71 1.69 -14.08
C THR A 235 9.63 2.06 -15.56
N TYR A 236 8.87 1.30 -16.34
CA TYR A 236 8.73 1.61 -17.76
C TYR A 236 7.98 2.92 -17.94
N ASP A 237 6.88 3.08 -17.21
CA ASP A 237 6.12 4.33 -17.22
C ASP A 237 6.98 5.50 -16.77
N LEU A 238 7.73 5.31 -15.68
CA LEU A 238 8.59 6.38 -15.17
C LEU A 238 9.70 6.76 -16.14
N SER A 239 10.31 5.76 -16.79
CA SER A 239 11.45 6.01 -17.67
CA SER A 239 11.46 6.00 -17.68
C SER A 239 11.04 6.65 -18.99
N LEU A 240 9.75 6.56 -19.30
CA LEU A 240 9.20 7.16 -20.52
C LEU A 240 9.37 8.67 -20.57
N TYR A 241 9.39 9.31 -19.39
CA TYR A 241 9.43 10.77 -19.34
C TYR A 241 10.79 11.34 -19.74
N PRO A 242 10.79 12.42 -20.53
CA PRO A 242 12.01 13.09 -21.01
C PRO A 242 12.65 14.00 -19.97
N ILE A 243 12.01 14.10 -18.80
CA ILE A 243 12.57 14.82 -17.66
C ILE A 243 12.73 13.87 -16.49
N PRO A 244 13.56 14.21 -15.50
CA PRO A 244 13.60 13.35 -14.32
C PRO A 244 12.24 13.26 -13.65
N VAL A 245 11.97 12.14 -12.98
CA VAL A 245 10.73 11.97 -12.21
C VAL A 245 11.10 11.40 -10.85
N PHE A 246 10.18 11.43 -9.90
CA PHE A 246 10.41 10.76 -8.63
C PHE A 246 10.40 9.25 -8.83
N ASN A 247 11.37 8.55 -8.24
CA ASN A 247 11.40 7.11 -8.43
C ASN A 247 10.48 6.40 -7.43
N PHE A 248 9.20 6.30 -7.80
CA PHE A 248 8.23 5.59 -6.95
C PHE A 248 8.50 4.10 -6.89
N ALA A 249 9.09 3.54 -7.95
CA ALA A 249 9.37 2.12 -7.98
C ALA A 249 10.33 1.70 -6.86
N LEU A 250 11.44 2.42 -6.73
CA LEU A 250 12.41 2.12 -5.68
C LEU A 250 11.80 2.36 -4.29
N MET A 251 11.06 3.45 -4.15
CA MET A 251 10.42 3.76 -2.87
C MET A 251 9.49 2.61 -2.45
N TYR A 252 8.63 2.16 -3.37
CA TYR A 252 7.70 1.08 -3.04
C TYR A 252 8.44 -0.21 -2.75
N SER A 253 9.53 -0.48 -3.48
CA SER A 253 10.29 -1.70 -3.26
CA SER A 253 10.30 -1.70 -3.28
C SER A 253 10.95 -1.73 -1.89
N ILE A 254 11.50 -0.59 -1.48
CA ILE A 254 12.09 -0.48 -0.15
C ILE A 254 11.01 -0.65 0.94
N ARG A 255 9.87 0.00 0.76
CA ARG A 255 8.78 -0.15 1.73
C ARG A 255 8.27 -1.59 1.79
N ASN A 256 8.20 -2.24 0.63
CA ASN A 256 7.79 -3.65 0.59
C ASN A 256 8.85 -4.60 1.09
N TYR A 257 10.12 -4.24 0.92
CA TYR A 257 11.22 -5.15 1.32
C TYR A 257 12.30 -4.45 2.12
N PRO A 258 11.94 -4.02 3.35
CA PRO A 258 12.87 -3.19 4.13
C PRO A 258 14.05 -3.98 4.69
N GLU A 259 14.16 -5.27 4.38
CA GLU A 259 15.35 -6.05 4.72
C GLU A 259 16.06 -6.52 3.46
N GLY A 260 15.78 -5.85 2.35
CA GLY A 260 16.46 -6.11 1.10
C GLY A 260 15.72 -7.10 0.22
N GLN A 261 16.07 -7.12 -1.06
CA GLN A 261 15.54 -8.09 -2.01
C GLN A 261 16.51 -8.20 -3.18
N ASP A 262 16.76 -9.41 -3.67
CA ASP A 262 17.61 -9.60 -4.86
C ASP A 262 17.11 -8.69 -5.98
N GLY A 263 18.01 -7.97 -6.64
CA GLY A 263 17.66 -7.15 -7.78
C GLY A 263 17.01 -5.83 -7.44
N MET A 264 17.01 -5.45 -6.15
CA MET A 264 16.42 -4.21 -5.66
CA MET A 264 16.35 -4.22 -5.72
C MET A 264 16.80 -2.98 -6.49
N ILE A 265 18.11 -2.82 -6.72
CA ILE A 265 18.55 -1.63 -7.42
C ILE A 265 18.21 -1.70 -8.91
N GLU A 266 18.61 -2.77 -9.57
CA GLU A 266 18.43 -2.86 -11.01
C GLU A 266 16.96 -2.98 -11.44
N ASN A 267 16.16 -3.76 -10.71
CA ASN A 267 14.75 -3.91 -11.05
C ASN A 267 13.95 -2.64 -10.88
N ASN A 268 14.46 -1.69 -10.09
CA ASN A 268 13.70 -0.46 -9.84
C ASN A 268 14.39 0.79 -10.34
N TRP A 269 15.36 0.60 -11.22
CA TRP A 269 16.18 1.70 -11.65
C TRP A 269 15.45 2.60 -12.65
N VAL A 270 15.53 3.91 -12.46
CA VAL A 270 14.99 4.88 -13.42
C VAL A 270 16.04 5.98 -13.63
N GLU A 271 16.61 6.03 -14.82
CA GLU A 271 17.73 6.94 -15.04
CA GLU A 271 17.71 6.96 -15.11
C GLU A 271 17.35 8.39 -14.75
N GLU A 272 18.24 9.06 -14.01
CA GLU A 272 18.11 10.46 -13.60
C GLU A 272 16.96 10.74 -12.61
N SER A 273 16.30 9.70 -12.13
CA SER A 273 15.16 9.92 -11.23
C SER A 273 15.57 10.44 -9.85
N PHE A 274 14.65 11.13 -9.20
CA PHE A 274 14.86 11.62 -7.83
C PHE A 274 14.47 10.52 -6.86
N LEU A 275 15.31 10.27 -5.87
CA LEU A 275 15.09 9.17 -4.94
C LEU A 275 14.47 9.66 -3.63
N PHE A 276 13.54 8.88 -3.07
CA PHE A 276 12.82 9.35 -1.89
C PHE A 276 12.22 8.18 -1.14
N LEU A 277 11.86 8.39 0.12
CA LEU A 277 11.27 7.30 0.91
C LEU A 277 9.86 7.64 1.42
N GLU A 278 9.49 8.91 1.34
CA GLU A 278 8.16 9.40 1.74
C GLU A 278 7.91 10.76 1.09
N ASN A 279 6.65 11.20 1.09
CA ASN A 279 6.30 12.54 0.67
C ASN A 279 4.93 12.88 1.28
N HIS A 280 4.37 14.01 0.86
CA HIS A 280 3.14 14.54 1.43
C HIS A 280 1.88 13.73 1.04
N ASP A 281 2.04 12.71 0.19
CA ASP A 281 0.91 11.85 -0.23
C ASP A 281 0.99 10.43 0.30
N LEU A 282 1.96 10.14 1.18
CA LEU A 282 2.19 8.80 1.67
C LEU A 282 2.20 8.74 3.20
N HIS A 283 1.93 7.57 3.77
CA HIS A 283 2.25 7.34 5.18
C HIS A 283 3.72 7.74 5.36
N ARG A 284 4.05 8.36 6.50
CA ARG A 284 5.45 8.61 6.86
C ARG A 284 6.24 7.30 6.83
N PHE A 285 7.50 7.36 6.39
CA PHE A 285 8.33 6.17 6.29
C PHE A 285 8.52 5.49 7.65
N PHE A 286 8.71 6.29 8.70
CA PHE A 286 8.92 5.72 10.03
C PHE A 286 7.68 4.93 10.44
N SER A 287 6.51 5.51 10.20
CA SER A 287 5.23 4.85 10.53
C SER A 287 5.02 3.62 9.65
N HIS A 288 5.40 3.71 8.38
CA HIS A 288 5.29 2.56 7.51
C HIS A 288 6.05 1.37 8.08
N LEU A 289 7.29 1.62 8.52
CA LEU A 289 8.13 0.57 9.08
C LEU A 289 7.52 0.00 10.36
N GLN A 290 6.95 0.88 11.18
CA GLN A 290 6.27 0.42 12.40
C GLN A 290 5.14 -0.55 12.03
N GLU A 291 4.36 -0.19 11.01
CA GLU A 291 3.27 -1.06 10.62
C GLU A 291 3.79 -2.37 10.05
N HIS A 292 4.83 -2.26 9.22
CA HIS A 292 5.44 -3.44 8.60
C HIS A 292 5.87 -4.49 9.61
N TYR A 293 6.48 -4.04 10.69
CA TYR A 293 7.00 -4.91 11.72
C TYR A 293 6.01 -5.14 12.84
N LYS A 294 4.85 -4.50 12.74
CA LYS A 294 3.83 -4.52 13.82
C LYS A 294 4.47 -4.09 15.14
N LYS A 295 5.31 -3.06 15.06
CA LYS A 295 6.05 -2.57 16.21
C LYS A 295 5.67 -1.13 16.48
N PHE A 296 4.58 -0.94 17.20
CA PHE A 296 4.05 0.41 17.42
C PHE A 296 4.45 0.96 18.78
N SER A 297 5.11 0.14 19.58
CA SER A 297 5.50 0.51 20.95
C SER A 297 6.73 1.42 20.98
N GLU A 298 6.85 2.21 22.05
CA GLU A 298 7.99 3.13 22.16
C GLU A 298 9.29 2.38 22.42
N SER A 299 9.19 1.15 22.91
CA SER A 299 10.39 0.34 23.10
C SER A 299 10.95 -0.13 21.77
N ASP A 300 10.22 0.12 20.67
CA ASP A 300 10.63 -0.31 19.33
C ASP A 300 11.20 0.84 18.48
N TYR A 301 11.19 2.06 19.04
CA TYR A 301 11.64 3.24 18.28
C TYR A 301 13.06 3.08 17.77
N GLU A 302 13.93 2.56 18.63
CA GLU A 302 15.33 2.36 18.28
C GLU A 302 15.49 1.40 17.12
N PHE A 303 14.80 0.26 17.24
CA PHE A 303 14.78 -0.76 16.20
C PHE A 303 14.36 -0.14 14.85
N ILE A 304 13.31 0.67 14.87
CA ILE A 304 12.78 1.26 13.63
C ILE A 304 13.77 2.31 13.09
N LYS A 305 14.29 3.13 13.99
CA LYS A 305 15.28 4.15 13.61
C LYS A 305 16.40 3.55 12.76
N LYS A 306 16.93 2.42 13.22
CA LYS A 306 18.09 1.81 12.57
C LYS A 306 17.76 1.40 11.14
N ARG A 307 16.55 0.86 10.95
N ARG A 307 16.57 0.85 10.92
CA ARG A 307 16.08 0.43 9.64
CA ARG A 307 16.16 0.44 9.57
C ARG A 307 15.90 1.62 8.70
C ARG A 307 15.94 1.65 8.68
N ALA A 308 15.31 2.69 9.23
CA ALA A 308 15.07 3.90 8.46
C ALA A 308 16.41 4.49 7.98
N ALA A 309 17.38 4.49 8.89
CA ALA A 309 18.67 5.10 8.63
C ALA A 309 19.39 4.43 7.47
N LEU A 310 19.32 3.11 7.37
CA LEU A 310 20.10 2.46 6.32
C LEU A 310 19.52 2.71 4.94
N TRP A 311 18.20 2.94 4.83
CA TRP A 311 17.65 3.25 3.52
C TRP A 311 17.88 4.72 3.17
N TYR A 312 17.96 5.61 4.16
CA TYR A 312 18.40 6.98 3.84
C TYR A 312 19.84 6.95 3.34
N PHE A 313 20.67 6.16 3.99
CA PHE A 313 22.05 6.00 3.52
C PHE A 313 22.07 5.60 2.04
N LEU A 314 21.28 4.62 1.68
CA LEU A 314 21.19 4.19 0.29
C LEU A 314 20.80 5.31 -0.67
N ILE A 315 19.70 6.02 -0.41
CA ILE A 315 19.30 7.03 -1.39
C ILE A 315 20.20 8.26 -1.37
N PHE A 316 21.03 8.41 -0.34
CA PHE A 316 22.03 9.50 -0.29
C PHE A 316 23.33 9.15 -1.04
N THR A 317 23.48 7.91 -1.50
CA THR A 317 24.73 7.49 -2.14
C THR A 317 24.50 6.96 -3.55
N LEU A 318 23.27 6.51 -3.83
CA LEU A 318 22.89 6.12 -5.19
C LEU A 318 22.87 7.31 -6.12
N LYS A 319 23.08 7.03 -7.40
CA LYS A 319 23.00 8.03 -8.45
CA LYS A 319 23.00 8.04 -8.44
C LYS A 319 21.60 8.61 -8.52
N GLY A 320 21.49 9.94 -8.50
CA GLY A 320 20.20 10.61 -8.45
C GLY A 320 20.14 11.66 -7.34
N SER A 321 19.17 12.55 -7.43
CA SER A 321 18.90 13.50 -6.35
C SER A 321 18.00 12.89 -5.27
N PRO A 322 18.50 12.78 -4.03
CA PRO A 322 17.63 12.30 -2.96
C PRO A 322 16.72 13.42 -2.45
N VAL A 323 15.53 13.03 -1.98
CA VAL A 323 14.56 14.01 -1.49
C VAL A 323 14.15 13.59 -0.09
N ILE A 324 14.28 14.52 0.84
CA ILE A 324 13.86 14.35 2.22
C ILE A 324 12.60 15.16 2.43
N TYR A 325 11.54 14.51 2.92
CA TYR A 325 10.30 15.22 3.24
C TYR A 325 10.46 15.85 4.63
N TYR A 326 10.11 17.13 4.78
CA TYR A 326 10.43 17.87 6.04
C TYR A 326 10.05 17.03 7.27
N GLY A 327 10.98 16.90 8.22
CA GLY A 327 10.74 16.15 9.43
C GLY A 327 11.06 14.66 9.33
N GLY A 328 11.30 14.19 8.10
CA GLY A 328 11.79 12.83 7.93
C GLY A 328 13.11 12.61 8.68
N GLU A 329 13.92 13.67 8.78
CA GLU A 329 15.25 13.55 9.34
C GLU A 329 15.24 13.32 10.86
N ILE A 330 14.10 13.60 11.51
CA ILE A 330 13.95 13.25 12.93
C ILE A 330 13.02 12.04 13.10
N GLY A 331 12.65 11.40 11.99
CA GLY A 331 11.82 10.20 12.04
C GLY A 331 10.34 10.48 12.28
N THR A 332 9.87 11.62 11.78
CA THR A 332 8.48 12.04 11.99
C THR A 332 7.48 10.94 11.63
N ARG A 333 6.49 10.75 12.50
CA ARG A 333 5.49 9.71 12.29
C ARG A 333 4.22 10.30 11.70
N GLY A 334 3.39 9.44 11.13
CA GLY A 334 2.16 9.90 10.50
C GLY A 334 1.56 8.85 9.57
N PHE A 335 0.26 8.63 9.71
CA PHE A 335 -0.51 7.81 8.77
C PHE A 335 -1.57 8.68 8.11
N LYS A 336 -1.76 8.48 6.81
CA LYS A 336 -2.92 9.05 6.12
C LYS A 336 -4.22 8.52 6.75
N TRP A 337 -5.24 9.37 6.81
CA TRP A 337 -6.57 8.96 7.27
C TRP A 337 -7.57 8.94 6.11
N HIS A 338 -8.75 8.39 6.36
CA HIS A 338 -9.79 8.36 5.34
C HIS A 338 -11.09 9.04 5.80
N GLY A 339 -10.96 10.09 6.60
CA GLY A 339 -12.07 10.83 7.16
C GLY A 339 -12.02 10.75 8.67
N PRO A 340 -12.43 11.82 9.38
CA PRO A 340 -12.92 13.13 8.91
C PRO A 340 -11.80 14.01 8.38
N VAL A 341 -10.55 13.63 8.64
CA VAL A 341 -9.42 14.27 7.98
C VAL A 341 -8.75 13.26 7.05
N TYR A 342 -7.89 13.73 6.16
CA TYR A 342 -7.32 12.82 5.17
C TYR A 342 -5.79 12.84 5.18
N ASP A 343 -5.18 13.80 4.51
CA ASP A 343 -3.70 13.86 4.44
C ASP A 343 -3.08 14.84 5.44
N GLU A 344 -3.92 15.58 6.16
CA GLU A 344 -3.39 16.44 7.23
C GLU A 344 -2.43 15.72 8.17
N PRO A 345 -2.76 14.48 8.60
CA PRO A 345 -1.86 13.89 9.59
C PRO A 345 -0.45 13.51 9.08
N VAL A 346 -0.19 13.54 7.77
CA VAL A 346 1.19 13.34 7.29
C VAL A 346 1.76 14.69 6.84
N ARG A 347 1.06 15.77 7.19
CA ARG A 347 1.46 17.13 6.86
C ARG A 347 1.39 18.02 8.11
N GLU A 348 1.72 17.44 9.25
CA GLU A 348 1.55 18.10 10.54
C GLU A 348 2.70 19.06 10.83
N PRO A 349 2.51 20.00 11.79
CA PRO A 349 3.56 20.90 12.27
C PRO A 349 4.92 20.20 12.48
N MET A 350 5.95 20.77 11.87
CA MET A 350 7.33 20.37 12.12
C MET A 350 7.61 20.48 13.62
N GLN A 351 8.18 19.44 14.20
CA GLN A 351 8.46 19.46 15.64
C GLN A 351 9.85 20.00 15.98
N TRP A 352 9.92 21.30 16.20
CA TRP A 352 11.17 21.94 16.57
C TRP A 352 11.56 21.71 18.03
N TYR A 353 10.58 21.59 18.91
CA TYR A 353 10.85 21.64 20.37
C TYR A 353 10.52 20.36 21.11
N ALA A 354 11.30 20.08 22.16
CA ALA A 354 11.04 18.91 23.00
C ALA A 354 9.61 18.94 23.56
N SER A 355 9.15 20.12 23.94
CA SER A 355 7.86 20.28 24.60
C SER A 355 6.69 20.26 23.63
N GLY A 356 6.97 20.46 22.34
CA GLY A 356 5.91 20.62 21.37
C GLY A 356 5.55 22.07 21.12
N THR A 357 6.02 22.97 22.00
CA THR A 357 5.75 24.41 21.85
CA THR A 357 5.74 24.40 21.90
C THR A 357 7.02 25.23 21.97
N GLY A 358 7.01 26.40 21.32
CA GLY A 358 8.15 27.28 21.34
C GLY A 358 7.94 28.31 20.27
N GLU A 359 8.88 29.24 20.15
CA GLU A 359 8.76 30.29 19.16
C GLU A 359 8.71 29.73 17.75
N GLY A 360 7.73 30.17 16.98
CA GLY A 360 7.62 29.81 15.58
C GLY A 360 6.92 28.49 15.32
N GLN A 361 6.58 27.77 16.38
CA GLN A 361 5.91 26.49 16.24
C GLN A 361 4.55 26.64 15.55
N THR A 362 4.32 25.88 14.49
CA THR A 362 3.02 25.98 13.80
C THR A 362 1.99 25.13 14.53
N PHE A 363 0.71 25.49 14.43
CA PHE A 363 -0.34 24.75 15.13
C PHE A 363 -1.69 24.86 14.43
N TRP A 364 -1.65 25.12 13.12
CA TRP A 364 -2.85 25.32 12.31
C TRP A 364 -3.77 24.09 12.35
N THR A 365 -3.18 22.93 12.58
CA THR A 365 -3.93 21.68 12.66
C THR A 365 -4.80 21.58 13.90
N LYS A 366 -4.47 22.31 14.96
CA LYS A 366 -5.22 22.21 16.21
C LYS A 366 -6.72 22.50 15.98
N GLU A 367 -7.00 23.58 15.25
CA GLU A 367 -8.37 23.96 14.91
C GLU A 367 -9.02 22.93 13.97
N VAL A 368 -8.25 22.45 13.00
CA VAL A 368 -8.74 21.41 12.08
C VAL A 368 -9.19 20.16 12.84
N TYR A 369 -8.35 19.72 13.78
CA TYR A 369 -8.63 18.50 14.52
C TYR A 369 -9.77 18.74 15.52
N LYS A 370 -9.83 19.94 16.09
CA LYS A 370 -10.90 20.24 17.04
C LYS A 370 -12.24 20.23 16.31
N ASN A 371 -12.30 20.88 15.15
CA ASN A 371 -13.54 20.94 14.40
CA ASN A 371 -13.52 20.94 14.35
C ASN A 371 -13.98 19.58 13.86
N ALA A 372 -13.03 18.66 13.70
CA ALA A 372 -13.35 17.32 13.23
C ALA A 372 -13.58 16.36 14.39
N GLY A 373 -13.41 16.84 15.61
CA GLY A 373 -13.70 16.06 16.80
C GLY A 373 -12.66 14.99 17.11
N ILE A 374 -11.43 15.22 16.65
CA ILE A 374 -10.36 14.26 16.90
C ILE A 374 -9.60 14.57 18.17
N THR A 375 -9.54 13.62 19.08
CA THR A 375 -8.84 13.82 20.35
C THR A 375 -7.69 12.83 20.50
N PHE A 376 -7.64 11.87 19.58
CA PHE A 376 -6.60 10.86 19.56
C PHE A 376 -5.21 11.52 19.50
N GLY A 377 -4.26 11.02 20.27
CA GLY A 377 -2.94 11.63 20.36
C GLY A 377 -2.96 13.03 20.97
N ASN A 378 -4.06 13.38 21.63
CA ASN A 378 -4.29 14.70 22.19
C ASN A 378 -4.19 15.80 21.12
N ALA A 379 -4.62 15.45 19.92
CA ALA A 379 -4.40 16.27 18.74
C ALA A 379 -5.13 17.62 18.77
N ASP A 380 -6.30 17.65 19.38
CA ASP A 380 -7.08 18.88 19.44
C ASP A 380 -6.44 19.87 20.40
N VAL A 381 -5.43 19.41 21.13
CA VAL A 381 -4.70 20.25 22.08
C VAL A 381 -3.33 20.70 21.54
N ASP A 382 -2.52 19.78 21.04
CA ASP A 382 -1.18 20.15 20.54
C ASP A 382 -1.07 20.16 19.02
N GLY A 383 -2.17 19.89 18.32
CA GLY A 383 -2.21 20.00 16.87
C GLY A 383 -1.60 18.83 16.11
N CYS A 384 -1.14 17.81 16.83
CA CYS A 384 -0.49 16.66 16.21
C CYS A 384 -1.08 15.34 16.68
N ILE A 385 -1.64 14.59 15.75
CA ILE A 385 -2.04 13.24 16.07
C ILE A 385 -0.81 12.38 16.33
N TYR A 386 0.24 12.65 15.57
CA TYR A 386 1.38 11.74 15.53
C TYR A 386 2.66 12.31 16.14
N ASP A 387 2.49 13.26 17.06
CA ASP A 387 3.60 13.67 17.91
C ASP A 387 3.14 14.04 19.32
N ASP A 388 3.92 13.65 20.33
CA ASP A 388 3.64 14.03 21.73
C ASP A 388 4.79 14.84 22.36
N PRO A 389 4.51 15.60 23.43
CA PRO A 389 5.59 16.32 24.10
C PRO A 389 6.61 15.36 24.73
N TYR A 390 7.89 15.76 24.72
CA TYR A 390 8.96 15.00 25.34
C TYR A 390 9.03 13.52 24.95
N ASP A 391 8.82 13.21 23.67
CA ASP A 391 8.88 11.80 23.26
C ASP A 391 10.13 11.46 22.43
N GLY A 392 11.04 12.42 22.30
CA GLY A 392 12.26 12.18 21.56
C GLY A 392 12.19 12.57 20.10
N PHE A 393 10.97 12.80 19.61
CA PHE A 393 10.76 13.18 18.22
C PHE A 393 10.66 14.69 18.11
N SER A 394 11.82 15.37 18.07
CA SER A 394 11.89 16.79 17.79
C SER A 394 13.31 17.16 17.41
N VAL A 395 13.48 18.28 16.71
CA VAL A 395 14.82 18.76 16.41
C VAL A 395 15.60 18.99 17.71
N GLU A 396 14.96 19.62 18.70
CA GLU A 396 15.63 19.97 19.95
C GLU A 396 16.23 18.76 20.66
N GLU A 397 15.45 17.69 20.75
CA GLU A 397 15.90 16.47 21.43
C GLU A 397 16.98 15.70 20.65
N GLN A 398 17.04 15.93 19.35
CA GLN A 398 17.95 15.14 18.51
C GLN A 398 19.22 15.86 18.07
N GLU A 399 19.20 17.19 18.10
CA GLU A 399 20.23 17.98 17.45
C GLU A 399 21.64 17.76 18.03
N ASN A 400 21.71 17.43 19.31
CA ASN A 400 23.00 17.20 19.98
C ASN A 400 23.07 15.81 20.58
N ASP A 401 22.20 14.92 20.10
CA ASP A 401 22.22 13.53 20.52
C ASP A 401 23.00 12.74 19.46
N PRO A 402 24.15 12.18 19.85
CA PRO A 402 25.03 11.48 18.91
C PRO A 402 24.36 10.28 18.22
N LYS A 403 23.33 9.70 18.82
CA LYS A 403 22.72 8.52 18.22
C LYS A 403 21.36 8.81 17.59
N SER A 404 21.04 10.08 17.38
CA SER A 404 19.75 10.42 16.79
C SER A 404 19.75 10.20 15.28
N LEU A 405 18.56 10.00 14.72
CA LEU A 405 18.45 9.89 13.27
C LEU A 405 18.91 11.19 12.63
N LEU A 406 18.58 12.32 13.26
CA LEU A 406 18.98 13.62 12.71
C LEU A 406 20.50 13.74 12.59
N ASN A 407 21.24 13.34 13.62
CA ASN A 407 22.70 13.44 13.54
C ASN A 407 23.30 12.49 12.51
N PHE A 408 22.70 11.32 12.33
CA PHE A 408 23.20 10.42 11.30
C PHE A 408 22.98 10.99 9.92
N ILE A 409 21.79 11.51 9.67
CA ILE A 409 21.45 12.04 8.36
C ILE A 409 22.31 13.27 8.09
N ARG A 410 22.45 14.12 9.09
CA ARG A 410 23.24 15.32 8.93
C ARG A 410 24.69 14.94 8.64
N PHE A 411 25.16 13.90 9.31
CA PHE A 411 26.51 13.43 9.07
C PHE A 411 26.71 12.98 7.62
N ILE A 412 25.80 12.14 7.12
CA ILE A 412 25.97 11.59 5.78
C ILE A 412 25.87 12.68 4.70
N LEU A 413 24.93 13.61 4.86
CA LEU A 413 24.75 14.69 3.90
C LEU A 413 25.98 15.60 3.85
N ASN A 414 26.57 15.85 5.01
CA ASN A 414 27.75 16.70 4.99
C ASN A 414 28.97 15.94 4.47
N PHE A 415 29.02 14.64 4.73
CA PHE A 415 29.99 13.75 4.07
C PHE A 415 29.84 13.79 2.56
N ARG A 416 28.58 13.72 2.11
CA ARG A 416 28.25 13.67 0.68
C ARG A 416 28.81 14.87 -0.08
N LYS A 417 28.74 16.04 0.55
CA LYS A 417 29.23 17.29 -0.03
C LYS A 417 30.69 17.22 -0.47
N ASP A 418 31.47 16.37 0.18
CA ASP A 418 32.90 16.27 -0.09
C ASP A 418 33.23 15.25 -1.15
N HIS A 419 32.23 14.66 -1.80
CA HIS A 419 32.55 13.58 -2.73
C HIS A 419 31.91 13.73 -4.09
N ASP A 420 32.76 14.14 -5.03
CA ASP A 420 32.33 14.47 -6.36
C ASP A 420 31.73 13.30 -7.11
N ALA A 421 32.17 12.08 -6.79
CA ALA A 421 31.61 10.88 -7.41
C ALA A 421 30.10 10.72 -7.14
N ILE A 422 29.65 11.14 -5.95
CA ILE A 422 28.21 11.07 -5.64
C ILE A 422 27.50 12.28 -6.22
N LEU A 423 28.12 13.45 -6.08
CA LEU A 423 27.53 14.70 -6.53
C LEU A 423 27.32 14.73 -8.04
N ASN A 424 28.20 14.06 -8.77
CA ASN A 424 28.26 14.20 -10.23
C ASN A 424 28.54 12.91 -11.00
N GLY A 425 28.81 11.82 -10.30
CA GLY A 425 29.33 10.63 -10.95
C GLY A 425 28.32 9.76 -11.67
N ASP A 426 28.82 8.89 -12.53
CA ASP A 426 28.00 7.82 -13.09
C ASP A 426 27.79 6.74 -12.02
N GLN A 427 27.16 5.64 -12.42
CA GLN A 427 26.96 4.51 -11.52
C GLN A 427 27.11 3.20 -12.27
N THR A 428 27.75 2.24 -11.61
CA THR A 428 27.90 0.90 -12.14
C THR A 428 27.60 -0.09 -11.04
N ILE A 429 26.54 -0.87 -11.24
CA ILE A 429 26.18 -1.92 -10.29
C ILE A 429 27.29 -2.95 -10.18
N PHE A 430 27.65 -3.30 -8.96
CA PHE A 430 28.66 -4.32 -8.68
C PHE A 430 27.98 -5.57 -8.10
N ARG A 431 27.16 -5.38 -7.05
CA ARG A 431 26.35 -6.47 -6.50
C ARG A 431 24.92 -5.99 -6.26
N ASP A 432 23.95 -6.87 -6.46
CA ASP A 432 22.53 -6.51 -6.29
C ASP A 432 21.78 -7.64 -5.60
N TRP A 433 22.28 -8.07 -4.44
CA TRP A 433 21.66 -9.16 -3.69
CA TRP A 433 21.66 -9.16 -3.70
C TRP A 433 20.90 -8.63 -2.49
N LYS A 434 19.97 -9.44 -1.97
CA LYS A 434 19.21 -9.08 -0.78
C LYS A 434 20.12 -8.59 0.32
N ASN A 435 21.22 -9.32 0.54
CA ASN A 435 22.15 -9.00 1.61
C ASN A 435 23.49 -8.45 1.13
N LEU A 436 23.51 -7.89 -0.08
CA LEU A 436 24.71 -7.22 -0.56
C LEU A 436 24.36 -6.29 -1.72
N ILE A 437 24.17 -5.03 -1.39
CA ILE A 437 24.04 -3.98 -2.38
C ILE A 437 25.39 -3.33 -2.53
N ALA A 438 25.91 -3.27 -3.75
CA ALA A 438 27.22 -2.67 -3.98
C ALA A 438 27.26 -2.03 -5.36
N PHE A 439 27.75 -0.80 -5.41
CA PHE A 439 27.80 -0.09 -6.68
C PHE A 439 28.94 0.91 -6.68
N TYR A 440 29.52 1.11 -7.86
CA TYR A 440 30.52 2.15 -8.05
C TYR A 440 29.84 3.47 -8.40
N ARG A 441 30.40 4.56 -7.86
CA ARG A 441 30.12 5.90 -8.36
C ARG A 441 31.42 6.47 -8.90
N GLU A 442 31.41 7.03 -10.09
CA GLU A 442 32.65 7.57 -10.62
C GLU A 442 32.46 8.85 -11.43
N SER A 443 33.12 9.91 -11.01
CA SER A 443 33.23 11.11 -11.85
C SER A 443 34.67 11.20 -12.40
N SER A 444 34.97 12.23 -13.17
CA SER A 444 36.33 12.38 -13.72
C SER A 444 37.34 12.59 -12.58
N ASN A 445 36.84 13.01 -11.42
CA ASN A 445 37.70 13.37 -10.29
C ASN A 445 37.79 12.34 -9.16
N GLU A 446 36.92 11.34 -9.16
CA GLU A 446 36.83 10.43 -8.02
C GLU A 446 36.09 9.15 -8.38
N LYS A 447 36.52 8.05 -7.78
CA LYS A 447 35.82 6.78 -7.93
C LYS A 447 35.56 6.15 -6.57
N LEU A 448 34.31 5.80 -6.30
CA LEU A 448 33.94 5.18 -5.05
C LEU A 448 33.30 3.81 -5.26
N LEU A 449 33.42 2.96 -4.24
CA LEU A 449 32.62 1.75 -4.18
C LEU A 449 31.78 1.85 -2.93
N VAL A 450 30.45 1.85 -3.10
CA VAL A 450 29.50 1.91 -1.98
C VAL A 450 28.94 0.51 -1.75
N VAL A 451 28.88 0.09 -0.49
CA VAL A 451 28.45 -1.25 -0.13
C VAL A 451 27.48 -1.19 1.05
N LEU A 452 26.40 -1.98 0.99
CA LEU A 452 25.41 -2.00 2.06
C LEU A 452 24.80 -3.39 2.19
N ASN A 453 24.65 -3.86 3.43
CA ASN A 453 23.97 -5.12 3.71
C ASN A 453 22.74 -4.84 4.58
N PRO A 454 21.55 -4.78 3.96
CA PRO A 454 20.33 -4.47 4.69
C PRO A 454 19.76 -5.68 5.44
N ASP A 455 20.32 -6.86 5.19
CA ASP A 455 19.85 -8.09 5.84
C ASP A 455 20.22 -8.06 7.32
N PRO A 456 19.26 -8.33 8.21
CA PRO A 456 19.60 -8.27 9.64
C PRO A 456 20.26 -9.54 10.17
N VAL A 457 20.38 -10.57 9.33
CA VAL A 457 20.85 -11.88 9.80
C VAL A 457 22.11 -12.38 9.07
N TRP A 458 22.12 -12.27 7.75
CA TRP A 458 23.11 -12.98 6.95
C TRP A 458 24.18 -12.07 6.35
N GLN A 459 25.42 -12.35 6.71
CA GLN A 459 26.56 -11.66 6.13
C GLN A 459 26.75 -12.04 4.67
N ASN A 460 27.51 -11.24 3.94
CA ASN A 460 27.95 -11.63 2.62
C ASN A 460 29.36 -11.10 2.40
N SER A 461 29.92 -11.36 1.23
CA SER A 461 31.29 -10.95 0.97
C SER A 461 31.55 -10.73 -0.51
N PHE A 462 32.59 -9.97 -0.80
CA PHE A 462 32.98 -9.73 -2.17
C PHE A 462 34.51 -9.64 -2.26
N THR A 463 35.04 -9.69 -3.47
CA THR A 463 36.46 -9.53 -3.70
C THR A 463 36.74 -8.23 -4.44
N PHE A 464 37.62 -7.40 -3.86
CA PHE A 464 38.02 -6.13 -4.47
C PHE A 464 38.60 -6.30 -5.87
N GLU A 465 38.14 -5.48 -6.82
CA GLU A 465 38.63 -5.52 -8.19
C GLU A 465 39.83 -4.60 -8.39
N GLU A 466 40.12 -3.79 -7.37
CA GLU A 466 41.27 -2.89 -7.42
C GLU A 466 41.56 -2.43 -5.99
N ASN A 467 42.75 -1.87 -5.79
CA ASN A 467 43.10 -1.34 -4.48
C ASN A 467 42.18 -0.16 -4.15
N MET A 468 41.65 -0.15 -2.94
CA MET A 468 40.82 0.95 -2.51
C MET A 468 41.02 1.18 -1.02
N THR A 469 40.70 2.39 -0.56
CA THR A 469 40.77 2.69 0.85
C THR A 469 39.38 2.88 1.43
N MET A 470 39.07 2.16 2.50
CA MET A 470 37.83 2.42 3.23
C MET A 470 37.87 3.82 3.81
N ILE A 471 36.87 4.65 3.49
CA ILE A 471 36.79 6.00 4.03
C ILE A 471 35.54 6.24 4.87
N LEU A 472 34.64 5.26 4.90
CA LEU A 472 33.48 5.34 5.78
C LEU A 472 33.03 3.94 6.14
N GLU A 473 32.71 3.75 7.42
CA GLU A 473 32.10 2.53 7.93
C GLU A 473 30.89 2.93 8.75
N VAL A 474 29.76 2.27 8.51
CA VAL A 474 28.57 2.51 9.32
C VAL A 474 28.08 1.19 9.90
N ASP A 475 27.87 1.16 11.20
CA ASP A 475 27.29 0.00 11.86
C ASP A 475 25.90 0.40 12.30
N PHE A 476 24.89 0.01 11.54
CA PHE A 476 23.52 0.42 11.86
C PHE A 476 22.97 -0.27 13.11
N GLU A 477 23.42 -1.48 13.38
CA GLU A 477 22.93 -2.21 14.55
C GLU A 477 23.41 -1.56 15.85
N ASN A 478 24.67 -1.11 15.88
CA ASN A 478 25.15 -0.39 17.06
C ASN A 478 24.96 1.11 16.91
N PHE A 479 24.54 1.51 15.71
CA PHE A 479 24.31 2.90 15.32
C PHE A 479 25.53 3.78 15.61
N ILE A 480 26.65 3.40 15.00
CA ILE A 480 27.88 4.16 15.07
C ILE A 480 28.53 4.15 13.71
N TRP A 481 29.34 5.16 13.46
CA TRP A 481 30.02 5.30 12.19
C TRP A 481 31.38 5.94 12.39
N ASN A 482 32.30 5.71 11.47
CA ASN A 482 33.63 6.26 11.60
C ASN A 482 34.30 6.37 10.25
N GLU A 483 35.29 7.26 10.14
CA GLU A 483 35.98 7.47 8.89
C GLU A 483 37.47 7.17 9.01
N SER A 484 37.83 6.33 9.97
CA SER A 484 39.22 5.87 10.06
C SER A 484 39.55 5.06 8.81
N ASN A 485 40.62 5.43 8.12
CA ASN A 485 40.97 4.82 6.84
C ASN A 485 41.60 3.45 7.00
N VAL A 486 41.26 2.55 6.09
CA VAL A 486 41.83 1.21 6.06
C VAL A 486 42.07 0.87 4.61
N SER A 487 43.29 0.45 4.28
CA SER A 487 43.65 0.13 2.91
C SER A 487 43.32 -1.33 2.56
N PHE A 488 42.94 -1.57 1.31
CA PHE A 488 42.62 -2.92 0.83
C PHE A 488 43.20 -3.13 -0.57
N SER A 489 43.55 -4.36 -0.89
CA SER A 489 44.19 -4.67 -2.17
C SER A 489 43.26 -5.40 -3.14
N ALA A 490 43.48 -5.21 -4.42
CA ALA A 490 42.81 -5.99 -5.45
C ALA A 490 42.96 -7.47 -5.11
N GLY A 491 41.89 -8.23 -5.33
CA GLY A 491 41.89 -9.65 -5.00
C GLY A 491 41.62 -10.01 -3.54
N GLU A 492 41.74 -9.03 -2.64
CA GLU A 492 41.46 -9.26 -1.24
C GLU A 492 39.94 -9.39 -1.00
N SER A 493 39.57 -10.32 -0.12
CA SER A 493 38.17 -10.57 0.20
C SER A 493 37.71 -9.68 1.36
N PHE A 494 36.48 -9.17 1.26
CA PHE A 494 35.90 -8.34 2.31
C PHE A 494 34.53 -8.86 2.75
N THR A 495 34.32 -8.97 4.05
CA THR A 495 33.04 -9.47 4.56
C THR A 495 32.16 -8.32 5.04
N VAL A 496 30.94 -8.25 4.51
CA VAL A 496 29.99 -7.23 4.94
C VAL A 496 29.01 -7.83 5.92
N ASP A 497 29.15 -7.48 7.21
CA ASP A 497 28.24 -7.97 8.23
C ASP A 497 26.80 -7.45 8.00
N PRO A 498 25.81 -8.17 8.55
CA PRO A 498 24.43 -7.67 8.58
C PRO A 498 24.36 -6.22 9.11
N MET A 499 23.58 -5.37 8.46
CA MET A 499 23.30 -4.02 8.96
C MET A 499 24.54 -3.13 9.02
N LYS A 500 25.41 -3.30 8.04
CA LYS A 500 26.58 -2.44 7.94
C LYS A 500 26.70 -1.88 6.53
N ALA A 501 27.29 -0.69 6.43
CA ALA A 501 27.62 -0.13 5.13
C ALA A 501 29.07 0.37 5.09
N TYR A 502 29.64 0.44 3.89
CA TYR A 502 30.99 0.94 3.70
C TYR A 502 31.09 1.77 2.43
N ILE A 503 31.99 2.75 2.43
CA ILE A 503 32.36 3.44 1.21
C ILE A 503 33.88 3.33 1.06
N PHE A 504 34.33 2.83 -0.08
CA PHE A 504 35.76 2.70 -0.39
C PHE A 504 36.11 3.66 -1.49
N LYS A 505 37.32 4.23 -1.44
CA LYS A 505 37.74 5.18 -2.46
C LYS A 505 39.01 4.75 -3.18
N LYS A 506 39.02 4.91 -4.50
CA LYS A 506 40.19 4.62 -5.30
C LYS A 506 41.30 5.66 -5.02
N GLU B 1 -14.95 -33.67 -6.96
CA GLU B 1 -15.13 -33.53 -8.40
C GLU B 1 -15.12 -32.06 -8.83
N VAL B 2 -14.71 -31.18 -7.93
CA VAL B 2 -14.47 -29.78 -8.32
C VAL B 2 -13.06 -29.36 -7.89
N LYS B 3 -12.22 -29.16 -8.90
CA LYS B 3 -10.83 -28.85 -8.67
C LYS B 3 -10.64 -27.43 -8.14
N TYR B 4 -11.52 -26.53 -8.55
CA TYR B 4 -11.40 -25.11 -8.20
C TYR B 4 -12.67 -24.57 -7.55
N PRO B 5 -12.95 -25.02 -6.30
CA PRO B 5 -14.13 -24.59 -5.57
C PRO B 5 -14.09 -23.11 -5.23
N VAL B 6 -15.27 -22.50 -5.16
CA VAL B 6 -15.40 -21.14 -4.65
C VAL B 6 -15.41 -21.15 -3.12
N VAL B 7 -14.49 -20.40 -2.53
CA VAL B 7 -14.32 -20.33 -1.09
C VAL B 7 -14.88 -19.02 -0.51
N TYR B 8 -15.54 -19.14 0.63
CA TYR B 8 -16.09 -18.00 1.34
C TYR B 8 -15.38 -17.91 2.69
N GLU B 9 -14.70 -16.79 2.93
CA GLU B 9 -13.93 -16.61 4.16
C GLU B 9 -14.77 -15.98 5.26
N ILE B 10 -15.03 -16.74 6.33
CA ILE B 10 -15.89 -16.28 7.40
C ILE B 10 -15.14 -15.98 8.69
N PHE B 11 -15.38 -14.80 9.24
CA PHE B 11 -14.96 -14.49 10.61
C PHE B 11 -16.15 -14.83 11.49
N ILE B 12 -16.07 -15.93 12.23
CA ILE B 12 -17.26 -16.41 12.94
C ILE B 12 -17.85 -15.33 13.86
N ARG B 13 -16.98 -14.59 14.55
CA ARG B 13 -17.41 -13.57 15.50
C ARG B 13 -18.33 -12.49 14.89
N SER B 14 -18.20 -12.26 13.58
CA SER B 14 -18.95 -11.20 12.94
C SER B 14 -20.06 -11.69 12.00
N LEU B 15 -20.33 -12.99 11.98
CA LEU B 15 -21.32 -13.46 11.01
C LEU B 15 -22.73 -13.44 11.60
N TYR B 16 -23.05 -14.41 12.47
CA TYR B 16 -24.43 -14.52 12.95
C TYR B 16 -24.49 -14.99 14.40
N ASP B 17 -25.18 -14.21 15.24
CA ASP B 17 -25.27 -14.48 16.68
C ASP B 17 -26.55 -15.25 17.01
N SER B 18 -26.42 -16.53 17.34
CA SER B 18 -27.60 -17.35 17.54
C SER B 18 -28.13 -17.34 18.97
N ASP B 19 -27.44 -16.70 19.91
CA ASP B 19 -27.91 -16.76 21.30
C ASP B 19 -27.98 -15.42 22.02
N GLY B 20 -27.70 -14.33 21.31
CA GLY B 20 -28.03 -13.00 21.81
C GLY B 20 -26.95 -12.20 22.50
N ASP B 21 -25.74 -12.75 22.64
CA ASP B 21 -24.69 -12.00 23.34
C ASP B 21 -23.98 -11.00 22.42
N GLY B 22 -24.39 -10.93 21.16
CA GLY B 22 -23.76 -10.01 20.23
C GLY B 22 -22.55 -10.59 19.52
N VAL B 23 -22.16 -11.79 19.93
CA VAL B 23 -20.98 -12.45 19.37
C VAL B 23 -21.41 -13.49 18.35
N GLY B 24 -20.85 -13.43 17.14
CA GLY B 24 -21.18 -14.42 16.14
C GLY B 24 -20.67 -15.77 16.61
N ASP B 25 -21.42 -16.83 16.31
CA ASP B 25 -21.08 -18.12 16.85
C ASP B 25 -21.32 -19.23 15.85
N ILE B 26 -20.91 -20.43 16.22
CA ILE B 26 -20.93 -21.56 15.29
C ILE B 26 -22.36 -22.00 14.91
N ASN B 27 -23.27 -22.07 15.88
CA ASN B 27 -24.67 -22.36 15.56
C ASN B 27 -25.25 -21.30 14.63
N GLY B 28 -24.78 -20.06 14.80
CA GLY B 28 -25.15 -18.97 13.91
C GLY B 28 -24.79 -19.26 12.47
N VAL B 29 -23.62 -19.85 12.25
CA VAL B 29 -23.20 -20.22 10.90
C VAL B 29 -24.19 -21.22 10.31
N SER B 30 -24.56 -22.24 11.08
CA SER B 30 -25.48 -23.26 10.59
C SER B 30 -26.80 -22.63 10.19
N GLN B 31 -27.21 -21.62 10.95
CA GLN B 31 -28.48 -20.95 10.68
C GLN B 31 -28.46 -20.14 9.38
N LYS B 32 -27.28 -19.84 8.85
CA LYS B 32 -27.20 -19.08 7.59
C LYS B 32 -26.74 -19.92 6.43
N VAL B 33 -26.85 -21.25 6.56
CA VAL B 33 -26.38 -22.13 5.50
C VAL B 33 -27.16 -21.92 4.20
N ASP B 34 -28.42 -21.54 4.28
CA ASP B 34 -29.22 -21.29 3.08
CA ASP B 34 -29.23 -21.28 3.08
C ASP B 34 -28.66 -20.12 2.29
N TYR B 35 -28.28 -19.05 2.99
CA TYR B 35 -27.67 -17.90 2.35
C TYR B 35 -26.37 -18.30 1.63
N LEU B 36 -25.53 -19.06 2.32
CA LEU B 36 -24.29 -19.54 1.73
C LEU B 36 -24.53 -20.39 0.50
N ARG B 37 -25.50 -21.30 0.59
CA ARG B 37 -25.77 -22.17 -0.53
C ARG B 37 -26.27 -21.35 -1.73
N LYS B 38 -27.17 -20.42 -1.47
CA LYS B 38 -27.75 -19.62 -2.55
C LYS B 38 -26.72 -18.66 -3.16
N LEU B 39 -25.72 -18.29 -2.37
CA LEU B 39 -24.67 -17.41 -2.87
C LEU B 39 -23.87 -18.13 -3.95
N GLY B 40 -23.76 -19.46 -3.83
CA GLY B 40 -23.10 -20.26 -4.84
C GLY B 40 -21.70 -20.70 -4.43
N ILE B 41 -21.41 -20.67 -3.13
CA ILE B 41 -20.07 -21.04 -2.69
C ILE B 41 -19.96 -22.55 -2.46
N ASP B 42 -18.73 -23.06 -2.57
CA ASP B 42 -18.43 -24.50 -2.51
C ASP B 42 -17.81 -24.89 -1.17
N ALA B 43 -17.18 -23.93 -0.51
CA ALA B 43 -16.44 -24.19 0.71
C ALA B 43 -16.34 -22.95 1.54
N VAL B 44 -16.36 -23.13 2.86
CA VAL B 44 -16.08 -22.03 3.77
C VAL B 44 -14.71 -22.22 4.40
N TRP B 45 -13.89 -21.18 4.35
CA TRP B 45 -12.70 -21.09 5.20
C TRP B 45 -13.05 -20.24 6.41
N PHE B 46 -12.99 -20.86 7.59
CA PHE B 46 -13.22 -20.17 8.85
C PHE B 46 -11.93 -19.60 9.40
N MET B 47 -11.95 -18.34 9.82
CA MET B 47 -10.86 -17.83 10.63
C MET B 47 -10.84 -18.66 11.93
N PRO B 48 -9.71 -18.66 12.65
CA PRO B 48 -9.47 -19.70 13.67
C PRO B 48 -10.58 -19.87 14.70
N PHE B 49 -11.03 -21.10 14.92
CA PHE B 49 -12.09 -21.35 15.90
C PHE B 49 -11.58 -22.11 17.13
N ASN B 50 -10.27 -22.31 17.23
CA ASN B 50 -9.68 -22.92 18.44
C ASN B 50 -9.68 -21.94 19.60
N GLU B 51 -9.58 -22.47 20.81
CA GLU B 51 -9.49 -21.58 21.97
C GLU B 51 -8.29 -20.64 21.83
N ALA B 52 -8.52 -19.36 22.03
CA ALA B 52 -7.48 -18.38 21.77
C ALA B 52 -7.67 -17.14 22.63
N VAL B 53 -6.59 -16.40 22.84
CA VAL B 53 -6.65 -15.23 23.70
C VAL B 53 -7.37 -14.05 23.04
N SER B 54 -7.03 -13.75 21.79
CA SER B 54 -7.53 -12.53 21.16
C SER B 54 -8.75 -12.79 20.26
N TYR B 55 -9.51 -11.73 20.00
CA TYR B 55 -10.78 -11.80 19.27
C TYR B 55 -10.65 -12.45 17.89
N HIS B 56 -9.48 -12.29 17.25
CA HIS B 56 -9.32 -12.80 15.89
C HIS B 56 -8.98 -14.29 15.86
N GLY B 57 -8.46 -14.81 16.99
CA GLY B 57 -8.20 -16.24 17.12
C GLY B 57 -6.81 -16.75 16.73
N TYR B 58 -5.91 -15.86 16.32
CA TYR B 58 -4.59 -16.30 15.85
C TYR B 58 -3.55 -16.54 16.96
N ASP B 59 -3.95 -16.42 18.23
CA ASP B 59 -3.04 -16.76 19.32
C ASP B 59 -3.65 -17.87 20.19
N ILE B 60 -3.36 -19.10 19.80
CA ILE B 60 -4.11 -20.25 20.28
C ILE B 60 -3.58 -20.77 21.62
N THR B 61 -4.50 -21.19 22.49
CA THR B 61 -4.16 -21.81 23.77
C THR B 61 -4.58 -23.28 23.86
N ASP B 62 -5.37 -23.75 22.90
CA ASP B 62 -5.73 -25.17 22.83
C ASP B 62 -6.13 -25.55 21.40
N TYR B 63 -5.32 -26.38 20.75
CA TYR B 63 -5.56 -26.80 19.38
C TYR B 63 -6.67 -27.84 19.26
N TYR B 64 -7.09 -28.41 20.39
CA TYR B 64 -8.02 -29.53 20.37
C TYR B 64 -9.36 -29.16 20.98
N ASN B 65 -9.57 -27.87 21.25
CA ASN B 65 -10.88 -27.43 21.70
C ASN B 65 -11.39 -26.22 20.92
N VAL B 66 -12.68 -25.96 21.02
CA VAL B 66 -13.34 -24.86 20.33
C VAL B 66 -13.38 -23.63 21.24
N GLU B 67 -13.11 -22.46 20.66
CA GLU B 67 -13.24 -21.20 21.39
C GLU B 67 -14.65 -21.05 21.97
N LYS B 68 -14.74 -20.84 23.28
CA LYS B 68 -16.02 -20.82 23.98
C LYS B 68 -16.93 -19.71 23.48
N ASP B 69 -16.35 -18.59 23.06
CA ASP B 69 -17.12 -17.49 22.46
C ASP B 69 -17.98 -17.95 21.27
N TYR B 70 -17.53 -19.01 20.60
CA TYR B 70 -18.16 -19.48 19.37
C TYR B 70 -19.07 -20.67 19.61
N GLY B 71 -18.89 -21.32 20.75
CA GLY B 71 -19.71 -22.48 21.07
C GLY B 71 -18.90 -23.67 21.54
N THR B 72 -19.41 -24.87 21.27
CA THR B 72 -18.84 -26.09 21.80
C THR B 72 -18.40 -27.01 20.68
N MET B 73 -17.70 -28.10 21.04
CA MET B 73 -17.29 -29.06 20.05
C MET B 73 -18.52 -29.67 19.37
N GLU B 74 -19.57 -29.88 20.14
CA GLU B 74 -20.82 -30.42 19.60
C GLU B 74 -21.38 -29.47 18.55
N ASP B 75 -21.42 -28.18 18.85
CA ASP B 75 -21.82 -27.16 17.87
C ASP B 75 -21.02 -27.28 16.58
N LEU B 76 -19.70 -27.38 16.72
CA LEU B 76 -18.78 -27.44 15.58
C LEU B 76 -19.07 -28.70 14.75
N GLU B 77 -19.18 -29.85 15.41
CA GLU B 77 -19.50 -31.07 14.68
C GLU B 77 -20.84 -30.97 13.96
N ASN B 78 -21.85 -30.37 14.60
CA ASN B 78 -23.15 -30.19 13.99
CA ASN B 78 -23.15 -30.20 13.96
C ASN B 78 -23.07 -29.27 12.76
N MET B 79 -22.34 -28.18 12.90
CA MET B 79 -22.24 -27.21 11.80
C MET B 79 -21.55 -27.81 10.59
N ILE B 80 -20.49 -28.59 10.84
CA ILE B 80 -19.80 -29.26 9.75
C ILE B 80 -20.75 -30.20 9.03
N GLN B 81 -21.58 -30.88 9.82
CA GLN B 81 -22.59 -31.79 9.26
C GLN B 81 -23.60 -31.02 8.41
N VAL B 82 -24.08 -29.90 8.93
CA VAL B 82 -25.04 -29.08 8.19
C VAL B 82 -24.44 -28.55 6.87
N LEU B 83 -23.21 -28.06 6.91
CA LEU B 83 -22.61 -27.54 5.68
C LEU B 83 -22.46 -28.68 4.66
N HIS B 84 -22.00 -29.85 5.12
CA HIS B 84 -21.84 -31.00 4.23
C HIS B 84 -23.17 -31.40 3.59
N GLU B 85 -24.23 -31.40 4.38
CA GLU B 85 -25.56 -31.74 3.87
C GLU B 85 -26.00 -30.75 2.80
N ASN B 86 -25.42 -29.56 2.82
CA ASN B 86 -25.74 -28.54 1.84
C ASN B 86 -24.71 -28.39 0.73
N GLY B 87 -23.81 -29.36 0.63
CA GLY B 87 -22.85 -29.37 -0.47
C GLY B 87 -21.67 -28.42 -0.27
N ILE B 88 -21.42 -28.04 0.97
CA ILE B 88 -20.37 -27.06 1.28
C ILE B 88 -19.27 -27.67 2.15
N LYS B 89 -18.03 -27.57 1.68
CA LYS B 89 -16.88 -28.05 2.43
C LYS B 89 -16.41 -27.06 3.50
N VAL B 90 -15.62 -27.56 4.44
CA VAL B 90 -15.13 -26.79 5.57
C VAL B 90 -13.61 -26.79 5.60
N ILE B 91 -13.03 -25.60 5.53
CA ILE B 91 -11.58 -25.41 5.57
C ILE B 91 -11.20 -24.75 6.90
N MET B 92 -10.28 -25.40 7.60
CA MET B 92 -9.84 -24.95 8.91
C MET B 92 -8.58 -24.09 8.83
N ASP B 93 -8.58 -22.99 9.57
CA ASP B 93 -7.40 -22.13 9.69
C ASP B 93 -6.45 -22.80 10.69
N LEU B 94 -5.33 -23.29 10.17
CA LEU B 94 -4.34 -24.00 10.97
C LEU B 94 -3.20 -23.07 11.35
N VAL B 95 -3.10 -22.72 12.62
CA VAL B 95 -2.16 -21.72 13.08
C VAL B 95 -1.00 -22.36 13.84
N ILE B 96 0.02 -22.82 13.12
CA ILE B 96 1.08 -23.62 13.74
C ILE B 96 2.45 -22.96 13.70
N ASN B 97 2.51 -21.70 13.29
CA ASN B 97 3.78 -20.99 13.35
C ASN B 97 4.15 -20.62 14.78
N HIS B 98 3.11 -20.41 15.59
CA HIS B 98 3.27 -19.90 16.93
C HIS B 98 2.05 -20.27 17.76
N THR B 99 2.17 -20.12 19.08
CA THR B 99 1.03 -20.27 19.96
C THR B 99 0.91 -19.00 20.75
N SER B 100 -0.15 -18.88 21.53
CA SER B 100 -0.22 -17.82 22.52
C SER B 100 0.86 -18.04 23.60
N ASP B 101 1.28 -16.97 24.27
CA ASP B 101 2.16 -17.14 25.43
C ASP B 101 1.36 -17.67 26.63
N GLU B 102 0.05 -17.78 26.46
CA GLU B 102 -0.78 -18.39 27.49
C GLU B 102 -1.08 -19.86 27.20
N HIS B 103 -0.47 -20.39 26.14
CA HIS B 103 -0.62 -21.81 25.86
C HIS B 103 0.05 -22.62 26.98
N PRO B 104 -0.64 -23.64 27.51
CA PRO B 104 -0.07 -24.50 28.55
C PRO B 104 1.33 -25.03 28.23
N TRP B 105 1.61 -25.40 26.97
CA TRP B 105 2.96 -25.82 26.60
C TRP B 105 4.01 -24.78 26.97
N PHE B 106 3.76 -23.54 26.55
CA PHE B 106 4.68 -22.44 26.76
C PHE B 106 4.80 -22.07 28.23
N LYS B 107 3.67 -22.03 28.92
CA LYS B 107 3.68 -21.73 30.35
C LYS B 107 4.54 -22.75 31.09
N ASP B 108 4.47 -24.01 30.67
CA ASP B 108 5.26 -25.03 31.32
C ASP B 108 6.73 -24.87 30.97
N ALA B 109 7.02 -24.51 29.72
CA ALA B 109 8.40 -24.28 29.30
C ALA B 109 9.00 -23.13 30.10
N VAL B 110 8.19 -22.12 30.40
CA VAL B 110 8.66 -20.98 31.17
C VAL B 110 8.94 -21.40 32.62
N GLU B 111 7.99 -22.09 33.23
CA GLU B 111 8.12 -22.55 34.61
C GLU B 111 9.27 -23.51 34.84
N ASN B 112 9.34 -24.56 34.04
CA ASN B 112 10.26 -25.65 34.29
C ASN B 112 11.48 -25.64 33.39
N THR B 113 11.59 -24.59 32.59
CA THR B 113 12.74 -24.38 31.71
C THR B 113 13.23 -25.66 31.05
N THR B 114 14.52 -25.96 31.16
CA THR B 114 15.09 -27.10 30.43
C THR B 114 14.57 -28.46 30.88
N SER B 115 13.82 -28.50 31.97
CA SER B 115 13.23 -29.76 32.44
C SER B 115 11.87 -30.02 31.80
N SER B 116 11.34 -29.00 31.11
CA SER B 116 10.05 -29.11 30.44
C SER B 116 10.17 -29.84 29.11
N PRO B 117 9.24 -30.77 28.85
CA PRO B 117 9.19 -31.44 27.54
C PRO B 117 8.94 -30.43 26.42
N TYR B 118 8.37 -29.28 26.77
CA TYR B 118 8.01 -28.26 25.79
C TYR B 118 9.07 -27.18 25.59
N TRP B 119 10.17 -27.28 26.33
CA TRP B 119 11.30 -26.37 26.13
C TRP B 119 11.73 -26.38 24.67
N ASP B 120 11.80 -27.58 24.06
CA ASP B 120 12.25 -27.70 22.69
CA ASP B 120 12.26 -27.68 22.69
C ASP B 120 11.12 -27.50 21.67
N TYR B 121 9.89 -27.32 22.17
CA TYR B 121 8.77 -26.99 21.28
C TYR B 121 8.92 -25.55 20.80
N TYR B 122 9.60 -24.74 21.60
CA TYR B 122 9.76 -23.31 21.30
C TYR B 122 11.21 -22.99 21.03
N ILE B 123 11.53 -21.70 20.89
CA ILE B 123 12.88 -21.25 20.65
C ILE B 123 13.28 -20.42 21.85
N MET B 124 13.86 -21.10 22.84
CA MET B 124 14.03 -20.53 24.16
C MET B 124 15.48 -20.61 24.64
N SER B 125 15.78 -19.80 25.66
CA SER B 125 17.13 -19.73 26.19
C SER B 125 17.11 -19.14 27.59
N LEU B 126 18.10 -19.53 28.39
CA LEU B 126 18.28 -18.97 29.72
C LEU B 126 19.41 -17.94 29.68
N GLU B 127 20.12 -17.91 28.56
CA GLU B 127 21.14 -16.92 28.31
C GLU B 127 20.54 -15.60 27.84
N ASP B 128 21.13 -14.50 28.31
CA ASP B 128 20.63 -13.16 28.03
C ASP B 128 20.60 -12.86 26.53
N HIS B 129 19.44 -12.42 26.06
CA HIS B 129 19.28 -12.09 24.64
C HIS B 129 18.80 -10.65 24.50
N SER B 130 19.05 -9.83 25.52
CA SER B 130 18.60 -8.43 25.51
C SER B 130 19.13 -7.68 24.28
N GLY B 131 18.24 -6.91 23.66
CA GLY B 131 18.60 -6.13 22.49
C GLY B 131 18.53 -6.86 21.16
N GLN B 132 18.45 -8.19 21.19
CA GLN B 132 18.38 -8.96 19.96
C GLN B 132 16.97 -8.91 19.35
N ASP B 133 16.90 -8.86 18.03
CA ASP B 133 15.63 -8.72 17.35
C ASP B 133 14.69 -9.89 17.60
N HIS B 134 13.46 -9.56 18.01
CA HIS B 134 12.35 -10.51 18.16
C HIS B 134 12.51 -11.46 19.34
N TRP B 135 13.43 -11.12 20.24
CA TRP B 135 13.57 -11.87 21.49
C TRP B 135 12.81 -11.17 22.61
N HIS B 136 12.17 -11.99 23.44
CA HIS B 136 11.36 -11.49 24.54
C HIS B 136 11.77 -12.26 25.79
N TRP B 137 11.25 -11.85 26.95
CA TRP B 137 11.55 -12.60 28.17
C TRP B 137 10.38 -12.62 29.15
N LYS B 138 10.33 -13.67 29.96
CA LYS B 138 9.45 -13.72 31.11
C LYS B 138 10.25 -14.14 32.34
N ILE B 139 9.74 -13.83 33.52
CA ILE B 139 10.34 -14.29 34.76
C ILE B 139 9.41 -15.32 35.42
N ASN B 140 9.90 -16.55 35.60
CA ASN B 140 9.06 -17.61 36.17
C ASN B 140 8.92 -17.46 37.68
N SER B 141 8.22 -18.39 38.32
CA SER B 141 7.93 -18.30 39.75
C SER B 141 9.18 -18.40 40.61
N LYS B 142 10.22 -19.03 40.09
CA LYS B 142 11.48 -19.17 40.79
C LYS B 142 12.38 -17.95 40.61
N GLY B 143 11.85 -16.93 39.93
CA GLY B 143 12.58 -15.69 39.71
C GLY B 143 13.61 -15.74 38.60
N GLN B 144 13.57 -16.81 37.81
CA GLN B 144 14.49 -16.98 36.69
C GLN B 144 14.00 -16.23 35.44
N LYS B 145 14.91 -15.60 34.71
CA LYS B 145 14.52 -14.90 33.47
C LYS B 145 14.67 -15.83 32.28
N VAL B 146 13.56 -16.04 31.57
CA VAL B 146 13.51 -16.95 30.44
C VAL B 146 13.32 -16.20 29.13
N TRP B 147 14.27 -16.37 28.20
CA TRP B 147 14.23 -15.68 26.91
C TRP B 147 13.60 -16.56 25.84
N TYR B 148 12.85 -15.96 24.92
CA TYR B 148 12.26 -16.71 23.82
C TYR B 148 12.05 -15.86 22.56
N PHE B 149 12.08 -16.53 21.41
CA PHE B 149 11.92 -15.89 20.11
C PHE B 149 10.44 -15.82 19.73
N GLY B 150 10.00 -14.67 19.24
CA GLY B 150 8.62 -14.50 18.81
C GLY B 150 8.51 -13.42 17.75
N LEU B 151 8.57 -13.81 16.49
CA LEU B 151 8.55 -12.87 15.37
C LEU B 151 7.37 -11.91 15.43
N PHE B 152 6.19 -12.43 15.74
CA PHE B 152 4.97 -11.62 15.79
C PHE B 152 4.76 -10.92 17.15
N GLY B 153 5.75 -10.99 18.05
CA GLY B 153 5.64 -10.29 19.31
C GLY B 153 5.65 -11.17 20.55
N TYR B 154 5.69 -10.54 21.71
CA TYR B 154 5.90 -11.23 22.98
C TYR B 154 4.78 -12.23 23.28
N ASN B 155 3.60 -12.01 22.73
CA ASN B 155 2.49 -12.89 23.09
C ASN B 155 2.27 -13.99 22.04
N MET B 156 3.22 -14.11 21.12
CA MET B 156 3.12 -15.14 20.10
C MET B 156 4.45 -15.86 19.91
N PRO B 157 4.87 -16.63 20.94
CA PRO B 157 6.13 -17.36 20.84
C PRO B 157 6.14 -18.33 19.65
N ASP B 158 7.22 -18.31 18.89
CA ASP B 158 7.39 -19.19 17.74
C ASP B 158 7.59 -20.65 18.15
N LEU B 159 6.93 -21.55 17.44
CA LEU B 159 7.20 -22.99 17.59
C LEU B 159 8.47 -23.37 16.84
N ASN B 160 9.16 -24.39 17.34
CA ASN B 160 10.39 -24.86 16.72
C ASN B 160 10.13 -26.02 15.77
N HIS B 161 10.04 -25.74 14.48
CA HIS B 161 9.65 -26.80 13.56
C HIS B 161 10.81 -27.71 13.15
N ASP B 162 11.98 -27.51 13.75
CA ASP B 162 13.05 -28.48 13.64
C ASP B 162 12.86 -29.61 14.67
N SER B 163 11.99 -29.40 15.65
CA SER B 163 11.69 -30.46 16.60
C SER B 163 10.77 -31.51 16.00
N GLN B 164 11.19 -32.77 16.06
CA GLN B 164 10.33 -33.84 15.60
C GLN B 164 9.08 -33.97 16.47
N LYS B 165 9.16 -33.55 17.73
CA LYS B 165 7.99 -33.57 18.61
C LYS B 165 6.93 -32.59 18.09
N VAL B 166 7.38 -31.44 17.62
CA VAL B 166 6.46 -30.43 17.09
C VAL B 166 5.84 -30.94 15.80
N ARG B 167 6.64 -31.60 14.96
CA ARG B 167 6.11 -32.18 13.72
C ARG B 167 5.08 -33.28 14.03
N GLU B 168 5.34 -34.10 15.04
CA GLU B 168 4.41 -35.13 15.50
CA GLU B 168 4.38 -35.12 15.40
C GLU B 168 3.11 -34.48 15.98
N GLU B 169 3.26 -33.40 16.72
CA GLU B 169 2.13 -32.68 17.26
C GLU B 169 1.26 -32.06 16.15
N VAL B 170 1.89 -31.52 15.12
CA VAL B 170 1.16 -31.03 13.93
C VAL B 170 0.39 -32.19 13.25
N LYS B 171 1.02 -33.36 13.11
CA LYS B 171 0.33 -34.52 12.57
C LYS B 171 -0.92 -34.87 13.40
N LYS B 172 -0.82 -34.77 14.72
CA LYS B 172 -1.95 -35.09 15.61
C LYS B 172 -3.07 -34.08 15.48
N ILE B 173 -2.70 -32.82 15.26
CA ILE B 173 -3.70 -31.78 15.10
C ILE B 173 -4.46 -32.02 13.81
N VAL B 174 -3.71 -32.25 12.73
CA VAL B 174 -4.29 -32.58 11.44
C VAL B 174 -5.21 -33.80 11.54
N ASP B 175 -4.70 -34.89 12.09
CA ASP B 175 -5.49 -36.11 12.25
C ASP B 175 -6.79 -35.86 12.99
N PHE B 176 -6.69 -35.13 14.09
CA PHE B 176 -7.82 -34.87 14.96
C PHE B 176 -8.94 -34.14 14.22
N TRP B 177 -8.61 -33.06 13.52
CA TRP B 177 -9.64 -32.27 12.86
C TRP B 177 -10.15 -32.94 11.59
N ILE B 178 -9.31 -33.72 10.91
CA ILE B 178 -9.84 -34.55 9.82
C ILE B 178 -10.89 -35.54 10.36
N SER B 179 -10.65 -36.08 11.56
CA SER B 179 -11.62 -37.00 12.17
C SER B 179 -12.94 -36.28 12.51
N LYS B 180 -12.91 -34.96 12.66
CA LYS B 180 -14.13 -34.21 12.93
C LYS B 180 -14.88 -33.85 11.64
N GLY B 181 -14.29 -34.20 10.49
CA GLY B 181 -14.93 -33.93 9.20
C GLY B 181 -14.42 -32.72 8.41
N VAL B 182 -13.35 -32.10 8.90
CA VAL B 182 -12.76 -30.96 8.19
C VAL B 182 -12.26 -31.39 6.81
N ASP B 183 -12.52 -30.56 5.79
CA ASP B 183 -12.16 -30.92 4.42
C ASP B 183 -10.82 -30.39 3.94
N GLY B 184 -10.24 -29.47 4.69
CA GLY B 184 -8.92 -28.98 4.33
C GLY B 184 -8.41 -27.96 5.29
N PHE B 185 -7.23 -27.41 4.99
CA PHE B 185 -6.59 -26.48 5.89
C PHE B 185 -6.04 -25.27 5.14
N ARG B 186 -6.24 -24.11 5.75
CA ARG B 186 -5.60 -22.87 5.33
C ARG B 186 -4.46 -22.68 6.33
N ILE B 187 -3.22 -22.62 5.85
CA ILE B 187 -2.11 -22.60 6.80
C ILE B 187 -1.60 -21.18 7.01
N ASP B 188 -1.81 -20.68 8.21
CA ASP B 188 -1.46 -19.32 8.57
C ASP B 188 0.06 -19.09 8.61
N ALA B 189 0.49 -17.90 8.18
CA ALA B 189 1.89 -17.50 8.32
C ALA B 189 2.88 -18.49 7.70
N ALA B 190 2.50 -19.06 6.56
CA ALA B 190 3.30 -20.12 5.92
C ALA B 190 4.67 -19.60 5.45
N LYS B 191 4.81 -18.29 5.37
CA LYS B 191 6.05 -17.64 5.00
C LYS B 191 7.08 -17.73 6.14
N HIS B 192 6.59 -17.90 7.37
CA HIS B 192 7.41 -17.68 8.54
C HIS B 192 7.77 -18.94 9.35
N ILE B 193 7.36 -20.11 8.86
CA ILE B 193 7.68 -21.37 9.54
C ILE B 193 9.15 -21.38 9.91
N TYR B 194 9.99 -21.08 8.93
CA TYR B 194 11.39 -20.82 9.22
C TYR B 194 11.75 -19.36 8.97
N GLY B 195 12.84 -18.91 9.58
CA GLY B 195 13.36 -17.58 9.33
C GLY B 195 13.63 -16.85 10.63
N TRP B 196 14.77 -16.16 10.70
CA TRP B 196 15.13 -15.42 11.90
C TRP B 196 14.72 -13.96 11.80
N SER B 197 14.10 -13.60 10.69
CA SER B 197 13.53 -12.26 10.54
C SER B 197 12.34 -12.36 9.57
N TRP B 198 11.68 -11.24 9.29
CA TRP B 198 10.46 -11.27 8.48
C TRP B 198 10.66 -11.88 7.10
N ASP B 199 11.75 -11.53 6.43
CA ASP B 199 11.92 -11.98 5.05
C ASP B 199 13.04 -13.01 4.89
N ASP B 200 13.45 -13.60 6.01
CA ASP B 200 14.41 -14.70 6.05
C ASP B 200 13.71 -16.07 5.90
N GLY B 201 14.34 -17.02 5.20
CA GLY B 201 13.89 -18.41 5.26
C GLY B 201 12.63 -18.81 4.50
N ILE B 202 12.36 -18.15 3.37
CA ILE B 202 11.22 -18.54 2.58
C ILE B 202 11.46 -19.88 1.88
N GLN B 203 12.73 -20.16 1.52
CA GLN B 203 13.04 -21.43 0.89
C GLN B 203 12.82 -22.59 1.86
N GLU B 204 13.27 -22.41 3.09
CA GLU B 204 13.14 -23.44 4.12
C GLU B 204 11.66 -23.63 4.48
N SER B 205 10.92 -22.53 4.52
CA SER B 205 9.50 -22.60 4.83
C SER B 205 8.75 -23.36 3.73
N ALA B 206 9.06 -23.06 2.47
CA ALA B 206 8.45 -23.77 1.36
C ALA B 206 8.76 -25.27 1.43
N GLU B 207 10.02 -25.60 1.72
CA GLU B 207 10.48 -26.98 1.81
C GLU B 207 9.72 -27.73 2.90
N TYR B 208 9.46 -27.05 4.01
CA TYR B 208 8.66 -27.63 5.10
C TYR B 208 7.33 -28.18 4.60
N PHE B 209 6.70 -27.52 3.63
CA PHE B 209 5.37 -27.95 3.24
C PHE B 209 5.38 -29.15 2.28
N GLU B 210 6.56 -29.60 1.88
CA GLU B 210 6.66 -30.88 1.16
C GLU B 210 6.25 -32.04 2.07
N TRP B 211 6.82 -32.10 3.27
CA TRP B 211 6.45 -33.18 4.19
CA TRP B 211 6.49 -33.12 4.26
C TRP B 211 5.01 -33.00 4.65
N PHE B 212 4.60 -31.76 4.91
CA PHE B 212 3.24 -31.51 5.38
C PHE B 212 2.19 -31.95 4.36
N ARG B 213 2.36 -31.52 3.11
CA ARG B 213 1.48 -31.92 2.03
CA ARG B 213 1.47 -31.93 2.05
C ARG B 213 1.42 -33.44 1.91
N ASP B 214 2.58 -34.09 1.89
CA ASP B 214 2.63 -35.54 1.76
C ASP B 214 1.87 -36.21 2.89
N TYR B 215 2.05 -35.70 4.10
CA TYR B 215 1.32 -36.28 5.22
C TYR B 215 -0.17 -36.12 5.09
N VAL B 216 -0.64 -34.88 4.86
CA VAL B 216 -2.08 -34.64 4.79
C VAL B 216 -2.72 -35.44 3.67
N LEU B 217 -2.10 -35.44 2.50
CA LEU B 217 -2.69 -36.14 1.36
C LEU B 217 -2.61 -37.66 1.55
N SER B 218 -1.67 -38.14 2.35
CA SER B 218 -1.64 -39.56 2.70
C SER B 218 -2.87 -39.93 3.53
N LYS B 219 -3.29 -39.05 4.43
CA LYS B 219 -4.46 -39.30 5.27
C LYS B 219 -5.77 -38.98 4.54
N LYS B 220 -5.74 -38.01 3.63
CA LYS B 220 -6.95 -37.57 2.96
C LYS B 220 -6.58 -37.01 1.58
N PRO B 221 -6.53 -37.90 0.59
CA PRO B 221 -6.09 -37.57 -0.78
C PRO B 221 -6.80 -36.39 -1.41
N ASP B 222 -8.08 -36.17 -1.06
CA ASP B 222 -8.85 -35.07 -1.66
C ASP B 222 -8.90 -33.80 -0.79
N ALA B 223 -8.02 -33.72 0.20
CA ALA B 223 -8.02 -32.59 1.12
C ALA B 223 -7.70 -31.28 0.39
N ILE B 224 -8.35 -30.19 0.79
CA ILE B 224 -8.00 -28.88 0.26
C ILE B 224 -6.85 -28.30 1.08
N LEU B 225 -5.82 -27.78 0.42
CA LEU B 225 -4.72 -27.13 1.11
C LEU B 225 -4.43 -25.78 0.50
N VAL B 226 -4.28 -24.75 1.33
CA VAL B 226 -3.81 -23.47 0.80
C VAL B 226 -2.97 -22.78 1.87
N GLY B 227 -1.80 -22.29 1.46
CA GLY B 227 -0.93 -21.60 2.40
C GLY B 227 -1.07 -20.09 2.32
N GLU B 228 -1.10 -19.43 3.47
CA GLU B 228 -1.00 -17.98 3.49
C GLU B 228 0.48 -17.58 3.45
N VAL B 229 0.94 -17.24 2.26
CA VAL B 229 2.29 -16.73 2.07
C VAL B 229 2.16 -15.25 1.75
N PHE B 230 2.43 -14.40 2.74
CA PHE B 230 2.11 -12.98 2.62
C PHE B 230 3.21 -12.27 1.84
N SER B 231 3.18 -12.45 0.52
CA SER B 231 4.17 -11.85 -0.36
C SER B 231 3.56 -11.57 -1.72
N GLY B 232 3.94 -10.45 -2.32
CA GLY B 232 3.44 -10.11 -3.65
C GLY B 232 4.37 -10.56 -4.77
N ASN B 233 5.40 -11.30 -4.42
CA ASN B 233 6.40 -11.78 -5.39
C ASN B 233 6.04 -13.16 -5.95
N THR B 234 5.81 -13.26 -7.26
CA THR B 234 5.36 -14.53 -7.82
C THR B 234 6.39 -15.65 -7.63
N TYR B 235 7.67 -15.30 -7.59
CA TYR B 235 8.68 -16.32 -7.36
C TYR B 235 8.51 -16.95 -5.98
N ASP B 236 8.37 -16.12 -4.94
CA ASP B 236 8.11 -16.59 -3.60
C ASP B 236 6.87 -17.46 -3.52
N LEU B 237 5.79 -17.01 -4.17
CA LEU B 237 4.52 -17.73 -4.12
C LEU B 237 4.63 -19.07 -4.83
N SER B 238 5.31 -19.07 -5.97
CA SER B 238 5.46 -20.29 -6.77
C SER B 238 6.40 -21.31 -6.13
N LEU B 239 7.26 -20.87 -5.21
CA LEU B 239 8.16 -21.77 -4.50
C LEU B 239 7.42 -22.87 -3.73
N TYR B 240 6.22 -22.57 -3.26
CA TYR B 240 5.53 -23.49 -2.35
C TYR B 240 4.96 -24.72 -3.06
N PRO B 241 5.05 -25.89 -2.42
CA PRO B 241 4.55 -27.14 -3.02
C PRO B 241 3.06 -27.32 -2.81
N ILE B 242 2.44 -26.37 -2.12
CA ILE B 242 0.98 -26.34 -1.98
C ILE B 242 0.42 -25.07 -2.64
N PRO B 243 -0.87 -25.09 -2.99
CA PRO B 243 -1.46 -23.83 -3.44
C PRO B 243 -1.31 -22.73 -2.38
N VAL B 244 -1.18 -21.48 -2.83
CA VAL B 244 -1.12 -20.34 -1.93
C VAL B 244 -2.08 -19.27 -2.44
N PHE B 245 -2.39 -18.29 -1.61
CA PHE B 245 -3.21 -17.17 -2.07
C PHE B 245 -2.39 -16.33 -3.04
N ASN B 246 -2.98 -15.94 -4.17
CA ASN B 246 -2.23 -15.13 -5.12
C ASN B 246 -2.27 -13.64 -4.78
N PHE B 247 -1.41 -13.22 -3.86
CA PHE B 247 -1.28 -11.82 -3.51
C PHE B 247 -0.80 -10.96 -4.68
N ALA B 248 -0.01 -11.53 -5.59
CA ALA B 248 0.51 -10.77 -6.72
C ALA B 248 -0.61 -10.24 -7.59
N LEU B 249 -1.51 -11.13 -8.00
CA LEU B 249 -2.66 -10.73 -8.82
C LEU B 249 -3.55 -9.74 -8.06
N MET B 250 -3.78 -10.02 -6.79
CA MET B 250 -4.57 -9.13 -5.94
C MET B 250 -3.97 -7.70 -5.90
N TYR B 251 -2.68 -7.60 -5.63
CA TYR B 251 -2.02 -6.28 -5.59
C TYR B 251 -2.03 -5.59 -6.96
N SER B 252 -1.86 -6.37 -8.02
CA SER B 252 -1.86 -5.84 -9.39
CA SER B 252 -1.85 -5.79 -9.36
C SER B 252 -3.21 -5.20 -9.71
N ILE B 253 -4.28 -5.93 -9.40
CA ILE B 253 -5.64 -5.41 -9.64
C ILE B 253 -5.90 -4.15 -8.83
N ARG B 254 -5.50 -4.16 -7.56
CA ARG B 254 -5.59 -2.96 -6.73
C ARG B 254 -4.77 -1.77 -7.26
N ASN B 255 -3.58 -2.04 -7.80
CA ASN B 255 -2.74 -0.97 -8.34
C ASN B 255 -3.23 -0.49 -9.69
N TYR B 256 -3.88 -1.39 -10.43
CA TYR B 256 -4.32 -1.13 -11.80
C TYR B 256 -5.75 -1.57 -12.06
N PRO B 257 -6.72 -0.89 -11.41
CA PRO B 257 -8.12 -1.34 -11.49
C PRO B 257 -8.78 -1.02 -12.82
N GLU B 258 -8.04 -0.39 -13.74
CA GLU B 258 -8.51 -0.21 -15.11
C GLU B 258 -7.66 -1.02 -16.09
N GLY B 259 -6.93 -1.99 -15.55
CA GLY B 259 -6.19 -2.93 -16.36
C GLY B 259 -4.74 -2.52 -16.54
N GLN B 260 -3.94 -3.47 -16.99
CA GLN B 260 -2.53 -3.21 -17.29
C GLN B 260 -2.04 -4.31 -18.22
N ASP B 261 -1.34 -3.95 -19.31
CA ASP B 261 -0.75 -4.96 -20.19
C ASP B 261 0.01 -6.00 -19.37
N GLY B 262 -0.23 -7.28 -19.65
CA GLY B 262 0.57 -8.33 -19.04
C GLY B 262 0.11 -8.71 -17.65
N MET B 263 -1.00 -8.13 -17.20
CA MET B 263 -1.48 -8.36 -15.85
C MET B 263 -1.65 -9.84 -15.49
N ILE B 264 -2.25 -10.62 -16.38
CA ILE B 264 -2.52 -12.01 -16.02
C ILE B 264 -1.22 -12.82 -16.00
N GLU B 265 -0.43 -12.73 -17.08
CA GLU B 265 0.77 -13.56 -17.18
C GLU B 265 1.80 -13.16 -16.16
N ASN B 266 1.97 -11.86 -15.96
CA ASN B 266 2.98 -11.35 -15.02
C ASN B 266 2.68 -11.67 -13.57
N ASN B 267 1.43 -11.94 -13.23
CA ASN B 267 1.11 -12.21 -11.83
C ASN B 267 0.59 -13.64 -11.61
N TRP B 268 0.81 -14.50 -12.59
CA TRP B 268 0.28 -15.86 -12.53
C TRP B 268 1.05 -16.73 -11.54
N VAL B 269 0.33 -17.46 -10.69
CA VAL B 269 0.92 -18.46 -9.78
C VAL B 269 0.10 -19.75 -9.94
N GLU B 270 0.70 -20.78 -10.51
CA GLU B 270 -0.08 -21.98 -10.82
CA GLU B 270 0.00 -22.04 -10.81
C GLU B 270 -0.72 -22.59 -9.56
N GLU B 271 -2.00 -22.94 -9.71
CA GLU B 271 -2.87 -23.50 -8.66
C GLU B 271 -3.22 -22.53 -7.52
N SER B 272 -2.82 -21.27 -7.62
CA SER B 272 -3.07 -20.35 -6.51
C SER B 272 -4.57 -19.99 -6.35
N PHE B 273 -4.93 -19.61 -5.13
CA PHE B 273 -6.29 -19.16 -4.81
C PHE B 273 -6.39 -17.65 -5.10
N LEU B 274 -7.42 -17.27 -5.84
CA LEU B 274 -7.56 -15.88 -6.29
C LEU B 274 -8.49 -15.10 -5.36
N PHE B 275 -8.13 -13.86 -5.04
CA PHE B 275 -8.93 -13.06 -4.12
C PHE B 275 -8.70 -11.57 -4.33
N LEU B 276 -9.59 -10.77 -3.77
CA LEU B 276 -9.51 -9.32 -3.90
C LEU B 276 -9.35 -8.59 -2.56
N GLU B 277 -9.63 -9.29 -1.46
CA GLU B 277 -9.52 -8.71 -0.11
C GLU B 277 -9.52 -9.87 0.87
N ASN B 278 -9.10 -9.60 2.10
CA ASN B 278 -9.21 -10.57 3.18
C ASN B 278 -9.16 -9.82 4.49
N HIS B 279 -9.09 -10.55 5.60
CA HIS B 279 -9.19 -9.96 6.93
C HIS B 279 -7.96 -9.14 7.32
N ASP B 280 -6.94 -9.10 6.46
CA ASP B 280 -5.72 -8.33 6.72
C ASP B 280 -5.53 -7.09 5.84
N LEU B 281 -6.50 -6.82 4.98
CA LEU B 281 -6.38 -5.73 4.02
C LEU B 281 -7.53 -4.74 4.16
N HIS B 282 -7.33 -3.51 3.68
CA HIS B 282 -8.46 -2.62 3.42
C HIS B 282 -9.45 -3.40 2.56
N ARG B 283 -10.75 -3.26 2.87
CA ARG B 283 -11.80 -3.79 1.99
C ARG B 283 -11.59 -3.29 0.55
N PHE B 284 -11.86 -4.16 -0.42
CA PHE B 284 -11.70 -3.84 -1.82
C PHE B 284 -12.54 -2.65 -2.27
N PHE B 285 -13.80 -2.59 -1.80
CA PHE B 285 -14.65 -1.45 -2.17
C PHE B 285 -14.01 -0.14 -1.70
N SER B 286 -13.51 -0.13 -0.47
CA SER B 286 -12.86 1.05 0.10
C SER B 286 -11.55 1.38 -0.60
N HIS B 287 -10.79 0.34 -0.96
CA HIS B 287 -9.57 0.59 -1.69
C HIS B 287 -9.83 1.33 -3.01
N LEU B 288 -10.87 0.89 -3.72
CA LEU B 288 -11.26 1.52 -4.96
C LEU B 288 -11.67 2.99 -4.72
N GLN B 289 -12.46 3.26 -3.69
CA GLN B 289 -12.79 4.63 -3.30
C GLN B 289 -11.53 5.47 -3.12
N GLU B 290 -10.55 4.95 -2.37
CA GLU B 290 -9.31 5.69 -2.13
C GLU B 290 -8.52 5.90 -3.41
N HIS B 291 -8.49 4.88 -4.25
CA HIS B 291 -7.80 4.95 -5.54
C HIS B 291 -8.38 6.09 -6.39
N TYR B 292 -9.69 6.14 -6.51
CA TYR B 292 -10.34 7.15 -7.32
C TYR B 292 -10.57 8.46 -6.58
N LYS B 293 -10.12 8.53 -5.33
CA LYS B 293 -10.43 9.65 -4.45
C LYS B 293 -11.92 9.97 -4.50
N LYS B 294 -12.73 8.91 -4.55
CA LYS B 294 -14.18 9.03 -4.67
C LYS B 294 -14.86 8.49 -3.41
N PHE B 295 -14.95 9.35 -2.40
CA PHE B 295 -15.43 8.91 -1.09
C PHE B 295 -16.88 9.23 -0.82
N SER B 296 -17.59 9.83 -1.79
CA SER B 296 -18.95 10.27 -1.51
C SER B 296 -19.97 9.27 -2.03
N GLU B 297 -21.20 9.36 -1.54
CA GLU B 297 -22.21 8.37 -1.85
C GLU B 297 -22.66 8.42 -3.30
N SER B 298 -22.45 9.54 -3.98
CA SER B 298 -22.86 9.60 -5.37
C SER B 298 -21.90 8.79 -6.25
N ASP B 299 -20.79 8.33 -5.67
CA ASP B 299 -19.79 7.53 -6.39
C ASP B 299 -19.96 6.02 -6.16
N TYR B 300 -20.90 5.61 -5.31
CA TYR B 300 -21.07 4.19 -4.98
C TYR B 300 -21.32 3.31 -6.20
N GLU B 301 -22.19 3.76 -7.09
CA GLU B 301 -22.51 2.97 -8.27
C GLU B 301 -21.30 2.85 -9.21
N PHE B 302 -20.55 3.93 -9.36
CA PHE B 302 -19.29 3.93 -10.09
C PHE B 302 -18.34 2.87 -9.55
N ILE B 303 -18.16 2.87 -8.23
CA ILE B 303 -17.23 1.94 -7.61
C ILE B 303 -17.72 0.50 -7.74
N LYS B 304 -19.02 0.30 -7.49
CA LYS B 304 -19.63 -1.03 -7.59
C LYS B 304 -19.33 -1.70 -8.94
N LYS B 305 -19.46 -0.93 -10.01
CA LYS B 305 -19.20 -1.43 -11.35
C LYS B 305 -17.78 -1.94 -11.52
N ARG B 306 -16.79 -1.19 -11.01
CA ARG B 306 -15.39 -1.61 -11.13
C ARG B 306 -15.12 -2.84 -10.28
N ALA B 307 -15.68 -2.88 -9.07
CA ALA B 307 -15.55 -4.05 -8.21
C ALA B 307 -16.06 -5.33 -8.89
N ALA B 308 -17.25 -5.24 -9.48
CA ALA B 308 -17.93 -6.37 -10.12
C ALA B 308 -17.12 -6.99 -11.23
N LEU B 309 -16.48 -6.11 -12.00
CA LEU B 309 -15.63 -6.52 -13.10
C LEU B 309 -14.45 -7.42 -12.68
N TRP B 310 -13.83 -7.08 -11.57
CA TRP B 310 -12.70 -7.89 -11.08
C TRP B 310 -13.19 -9.16 -10.37
N TYR B 311 -14.35 -9.14 -9.73
CA TYR B 311 -14.93 -10.39 -9.23
C TYR B 311 -15.19 -11.34 -10.39
N PHE B 312 -15.73 -10.80 -11.49
CA PHE B 312 -15.97 -11.61 -12.67
C PHE B 312 -14.69 -12.31 -13.12
N LEU B 313 -13.60 -11.57 -13.14
CA LEU B 313 -12.33 -12.17 -13.54
C LEU B 313 -11.89 -13.30 -12.59
N ILE B 314 -11.88 -13.08 -11.28
CA ILE B 314 -11.37 -14.15 -10.43
C ILE B 314 -12.34 -15.33 -10.37
N PHE B 315 -13.61 -15.14 -10.75
CA PHE B 315 -14.57 -16.25 -10.83
C PHE B 315 -14.43 -17.09 -12.12
N THR B 316 -13.65 -16.62 -13.09
CA THR B 316 -13.54 -17.31 -14.37
C THR B 316 -12.10 -17.80 -14.68
N LEU B 317 -11.11 -17.13 -14.11
CA LEU B 317 -9.72 -17.59 -14.21
C LEU B 317 -9.51 -18.95 -13.53
N LYS B 318 -8.53 -19.69 -14.01
CA LYS B 318 -8.13 -20.94 -13.39
C LYS B 318 -7.63 -20.71 -11.96
N GLY B 319 -8.18 -21.45 -11.00
CA GLY B 319 -7.83 -21.29 -9.60
C GLY B 319 -9.11 -21.19 -8.78
N SER B 320 -9.00 -21.35 -7.47
CA SER B 320 -10.14 -21.16 -6.56
C SER B 320 -10.33 -19.70 -6.14
N PRO B 321 -11.48 -19.10 -6.47
CA PRO B 321 -11.70 -17.72 -5.99
C PRO B 321 -12.14 -17.71 -4.53
N VAL B 322 -11.76 -16.65 -3.81
CA VAL B 322 -12.07 -16.53 -2.38
C VAL B 322 -12.80 -15.21 -2.19
N ILE B 323 -13.99 -15.29 -1.61
CA ILE B 323 -14.76 -14.13 -1.24
C ILE B 323 -14.67 -13.93 0.26
N TYR B 324 -14.29 -12.74 0.68
CA TYR B 324 -14.24 -12.40 2.09
C TYR B 324 -15.67 -12.00 2.50
N TYR B 325 -16.17 -12.55 3.61
CA TYR B 325 -17.59 -12.34 4.00
C TYR B 325 -17.97 -10.86 3.88
N GLY B 326 -19.08 -10.58 3.20
CA GLY B 326 -19.53 -9.21 3.06
C GLY B 326 -19.00 -8.54 1.80
N GLY B 327 -17.97 -9.11 1.18
CA GLY B 327 -17.47 -8.59 -0.09
C GLY B 327 -18.58 -8.57 -1.12
N GLU B 328 -19.49 -9.55 -1.05
CA GLU B 328 -20.54 -9.69 -2.04
C GLU B 328 -21.62 -8.57 -1.95
N ILE B 329 -21.65 -7.83 -0.86
CA ILE B 329 -22.50 -6.65 -0.82
C ILE B 329 -21.73 -5.33 -0.87
N GLY B 330 -20.44 -5.42 -1.16
CA GLY B 330 -19.60 -4.23 -1.30
C GLY B 330 -19.15 -3.64 0.02
N THR B 331 -19.04 -4.48 1.05
CA THR B 331 -18.73 -4.00 2.40
C THR B 331 -17.46 -3.15 2.42
N ARG B 332 -17.54 -2.00 3.10
CA ARG B 332 -16.47 -1.04 3.17
C ARG B 332 -15.67 -1.21 4.46
N GLY B 333 -14.46 -0.66 4.47
CA GLY B 333 -13.61 -0.77 5.64
C GLY B 333 -12.15 -0.45 5.36
N PHE B 334 -11.55 0.34 6.25
CA PHE B 334 -10.11 0.61 6.21
C PHE B 334 -9.47 0.11 7.50
N LYS B 335 -8.29 -0.50 7.40
CA LYS B 335 -7.48 -0.81 8.57
C LYS B 335 -7.15 0.49 9.28
N TRP B 336 -7.10 0.45 10.61
CA TRP B 336 -6.69 1.61 11.40
C TRP B 336 -5.34 1.35 12.02
N HIS B 337 -4.74 2.39 12.62
CA HIS B 337 -3.44 2.23 13.26
C HIS B 337 -3.48 2.68 14.72
N GLY B 338 -4.58 2.37 15.40
CA GLY B 338 -4.80 2.79 16.77
C GLY B 338 -5.96 3.76 16.81
N PRO B 339 -6.77 3.72 17.88
CA PRO B 339 -6.68 2.84 19.03
C PRO B 339 -7.26 1.45 18.75
N VAL B 340 -7.85 1.27 17.58
CA VAL B 340 -8.17 -0.07 17.08
C VAL B 340 -7.32 -0.28 15.83
N TYR B 341 -7.25 -1.53 15.36
CA TYR B 341 -6.35 -1.84 14.26
C TYR B 341 -7.08 -2.53 13.13
N ASP B 342 -7.30 -3.84 13.22
CA ASP B 342 -7.95 -4.56 12.12
C ASP B 342 -9.43 -4.83 12.34
N GLU B 343 -9.93 -4.51 13.53
CA GLU B 343 -11.38 -4.59 13.78
C GLU B 343 -12.23 -3.95 12.68
N PRO B 344 -11.86 -2.75 12.17
CA PRO B 344 -12.80 -2.16 11.20
C PRO B 344 -12.85 -2.85 9.85
N VAL B 345 -11.96 -3.79 9.52
CA VAL B 345 -12.17 -4.58 8.30
C VAL B 345 -12.73 -5.97 8.66
N ARG B 346 -13.08 -6.12 9.94
CA ARG B 346 -13.63 -7.37 10.44
C ARG B 346 -14.95 -7.12 11.19
N GLU B 347 -15.73 -6.16 10.70
CA GLU B 347 -16.95 -5.71 11.38
C GLU B 347 -18.16 -6.63 11.16
N PRO B 348 -19.18 -6.51 12.02
CA PRO B 348 -20.42 -7.29 11.85
C PRO B 348 -20.95 -7.30 10.42
N MET B 349 -21.20 -8.50 9.91
CA MET B 349 -21.87 -8.69 8.64
C MET B 349 -23.24 -7.98 8.65
N GLN B 350 -23.53 -7.21 7.60
CA GLN B 350 -24.77 -6.42 7.58
C GLN B 350 -25.91 -7.16 6.91
N TRP B 351 -26.69 -7.91 7.70
CA TRP B 351 -27.87 -8.61 7.18
C TRP B 351 -29.04 -7.66 6.89
N TYR B 352 -29.14 -6.58 7.66
CA TYR B 352 -30.37 -5.79 7.70
C TYR B 352 -30.23 -4.35 7.21
N ALA B 353 -31.25 -3.86 6.50
CA ALA B 353 -31.29 -2.47 6.07
C ALA B 353 -31.02 -1.51 7.23
N SER B 354 -31.66 -1.79 8.35
CA SER B 354 -31.60 -0.91 9.52
C SER B 354 -30.31 -1.07 10.34
N GLY B 355 -29.55 -2.13 10.06
CA GLY B 355 -28.33 -2.35 10.81
C GLY B 355 -28.58 -3.21 12.03
N THR B 356 -29.82 -3.64 12.22
CA THR B 356 -30.15 -4.44 13.38
C THR B 356 -31.32 -5.38 13.10
N GLY B 357 -31.35 -6.49 13.82
CA GLY B 357 -32.33 -7.52 13.60
C GLY B 357 -31.84 -8.81 14.21
N GLU B 358 -32.61 -9.87 14.03
CA GLU B 358 -32.33 -11.13 14.66
C GLU B 358 -30.99 -11.69 14.18
N GLY B 359 -30.12 -11.99 15.14
CA GLY B 359 -28.86 -12.64 14.81
C GLY B 359 -27.74 -11.66 14.47
N GLN B 360 -28.07 -10.37 14.39
CA GLN B 360 -27.07 -9.35 14.08
C GLN B 360 -25.98 -9.32 15.14
N THR B 361 -24.72 -9.41 14.71
CA THR B 361 -23.63 -9.33 15.68
C THR B 361 -23.35 -7.88 15.98
N PHE B 362 -22.82 -7.62 17.18
CA PHE B 362 -22.54 -6.26 17.58
C PHE B 362 -21.42 -6.16 18.61
N TRP B 363 -20.53 -7.15 18.61
CA TRP B 363 -19.41 -7.22 19.56
C TRP B 363 -18.47 -6.00 19.47
N THR B 364 -18.42 -5.39 18.30
CA THR B 364 -17.58 -4.22 18.08
C THR B 364 -18.04 -2.95 18.81
N LYS B 365 -19.34 -2.88 19.11
CA LYS B 365 -19.88 -1.67 19.73
C LYS B 365 -19.18 -1.36 21.07
N GLU B 366 -18.98 -2.37 21.91
CA GLU B 366 -18.25 -2.16 23.16
C GLU B 366 -16.77 -1.85 22.91
N VAL B 367 -16.19 -2.49 21.90
CA VAL B 367 -14.80 -2.22 21.54
C VAL B 367 -14.62 -0.75 21.15
N TYR B 368 -15.52 -0.25 20.32
CA TYR B 368 -15.41 1.11 19.82
C TYR B 368 -15.74 2.12 20.92
N LYS B 369 -16.70 1.78 21.77
CA LYS B 369 -17.04 2.63 22.91
C LYS B 369 -15.86 2.77 23.87
N ASN B 370 -15.26 1.65 24.24
CA ASN B 370 -14.12 1.69 25.14
C ASN B 370 -12.89 2.35 24.53
N ALA B 371 -12.87 2.49 23.22
CA ALA B 371 -11.73 3.09 22.53
C ALA B 371 -11.98 4.57 22.23
N GLY B 372 -13.19 5.03 22.55
CA GLY B 372 -13.56 6.42 22.33
C GLY B 372 -13.90 6.79 20.89
N ILE B 373 -14.27 5.80 20.08
CA ILE B 373 -14.55 6.07 18.67
C ILE B 373 -16.02 6.35 18.43
N THR B 374 -16.30 7.51 17.84
CA THR B 374 -17.68 7.89 17.55
C THR B 374 -17.88 8.12 16.04
N PHE B 375 -16.78 8.20 15.31
CA PHE B 375 -16.81 8.32 13.85
C PHE B 375 -17.67 7.19 13.26
N GLY B 376 -18.48 7.52 12.27
CA GLY B 376 -19.41 6.56 11.67
C GLY B 376 -20.50 6.09 12.63
N ASN B 377 -20.67 6.81 13.74
CA ASN B 377 -21.62 6.42 14.79
C ASN B 377 -21.30 5.02 15.30
N ALA B 378 -20.03 4.68 15.25
CA ALA B 378 -19.56 3.33 15.54
C ALA B 378 -19.90 2.88 16.95
N ASP B 379 -19.80 3.80 17.90
CA ASP B 379 -20.01 3.45 19.30
C ASP B 379 -21.47 3.16 19.61
N VAL B 380 -22.37 3.43 18.68
CA VAL B 380 -23.78 3.09 18.91
C VAL B 380 -24.32 2.02 17.95
N ASP B 381 -23.89 1.99 16.68
CA ASP B 381 -24.41 0.95 15.78
C ASP B 381 -23.39 -0.15 15.50
N GLY B 382 -22.18 -0.02 16.06
CA GLY B 382 -21.17 -1.08 16.02
C GLY B 382 -20.24 -1.13 14.80
N CYS B 383 -20.44 -0.25 13.85
CA CYS B 383 -19.67 -0.31 12.60
C CYS B 383 -19.16 1.06 12.22
N ILE B 384 -17.84 1.20 12.12
CA ILE B 384 -17.29 2.44 11.61
C ILE B 384 -17.69 2.60 10.14
N TYR B 385 -17.75 1.49 9.41
CA TYR B 385 -17.86 1.57 7.96
C TYR B 385 -19.18 1.03 7.43
N ASP B 386 -20.22 1.11 8.24
CA ASP B 386 -21.57 0.88 7.74
C ASP B 386 -22.59 1.69 8.51
N ASP B 387 -23.61 2.20 7.81
CA ASP B 387 -24.71 2.94 8.41
C ASP B 387 -26.07 2.29 8.13
N PRO B 388 -27.07 2.59 8.97
CA PRO B 388 -28.45 2.20 8.71
C PRO B 388 -28.96 2.77 7.38
N TYR B 389 -29.75 2.00 6.65
CA TYR B 389 -30.43 2.47 5.44
C TYR B 389 -29.51 3.04 4.35
N ASP B 390 -28.27 2.54 4.24
CA ASP B 390 -27.34 3.12 3.25
C ASP B 390 -27.18 2.25 1.99
N GLY B 391 -27.95 1.18 1.88
CA GLY B 391 -27.89 0.32 0.71
C GLY B 391 -26.91 -0.83 0.84
N PHE B 392 -26.02 -0.75 1.83
CA PHE B 392 -25.08 -1.82 2.06
C PHE B 392 -25.67 -2.76 3.11
N SER B 393 -26.45 -3.73 2.66
CA SER B 393 -26.94 -4.80 3.52
C SER B 393 -27.44 -5.91 2.62
N VAL B 394 -27.54 -7.12 3.16
CA VAL B 394 -28.12 -8.21 2.41
C VAL B 394 -29.59 -7.89 2.10
N GLU B 395 -30.30 -7.34 3.10
CA GLU B 395 -31.72 -7.07 2.95
C GLU B 395 -31.98 -6.09 1.79
N GLU B 396 -31.18 -5.03 1.69
CA GLU B 396 -31.38 -4.04 0.62
C GLU B 396 -30.96 -4.56 -0.76
N GLN B 397 -30.05 -5.51 -0.81
CA GLN B 397 -29.53 -5.96 -2.09
C GLN B 397 -30.18 -7.24 -2.60
N GLU B 398 -30.82 -7.95 -1.68
CA GLU B 398 -31.37 -9.28 -1.90
C GLU B 398 -32.27 -9.39 -3.13
N ASN B 399 -33.15 -8.40 -3.30
CA ASN B 399 -34.12 -8.45 -4.39
C ASN B 399 -33.91 -7.34 -5.40
N ASP B 400 -32.75 -6.71 -5.33
CA ASP B 400 -32.34 -5.69 -6.29
C ASP B 400 -31.61 -6.34 -7.47
N PRO B 401 -32.18 -6.23 -8.68
CA PRO B 401 -31.58 -6.88 -9.85
C PRO B 401 -30.24 -6.25 -10.24
N LYS B 402 -29.97 -5.03 -9.79
CA LYS B 402 -28.71 -4.37 -10.08
C LYS B 402 -27.73 -4.37 -8.90
N SER B 403 -27.99 -5.16 -7.86
CA SER B 403 -27.06 -5.15 -6.72
C SER B 403 -25.82 -5.98 -7.02
N LEU B 404 -24.72 -5.64 -6.37
CA LEU B 404 -23.50 -6.45 -6.45
C LEU B 404 -23.78 -7.88 -5.98
N LEU B 405 -24.62 -8.01 -4.96
CA LEU B 405 -24.98 -9.33 -4.45
C LEU B 405 -25.59 -10.20 -5.54
N ASN B 406 -26.54 -9.64 -6.29
CA ASN B 406 -27.19 -10.48 -7.28
C ASN B 406 -26.31 -10.71 -8.51
N PHE B 407 -25.41 -9.80 -8.81
CA PHE B 407 -24.42 -10.08 -9.86
C PHE B 407 -23.55 -11.29 -9.49
N ILE B 408 -23.02 -11.24 -8.27
CA ILE B 408 -22.16 -12.30 -7.77
C ILE B 408 -22.91 -13.64 -7.69
N ARG B 409 -24.13 -13.62 -7.17
CA ARG B 409 -24.96 -14.83 -7.15
C ARG B 409 -25.16 -15.36 -8.55
N PHE B 410 -25.42 -14.45 -9.47
CA PHE B 410 -25.65 -14.87 -10.85
C PHE B 410 -24.42 -15.57 -11.43
N ILE B 411 -23.25 -14.93 -11.30
CA ILE B 411 -22.05 -15.50 -11.91
C ILE B 411 -21.67 -16.82 -11.22
N LEU B 412 -21.80 -16.88 -9.90
CA LEU B 412 -21.42 -18.09 -9.19
C LEU B 412 -22.38 -19.26 -9.52
N ASN B 413 -23.66 -18.94 -9.73
CA ASN B 413 -24.62 -19.96 -10.14
C ASN B 413 -24.32 -20.42 -11.57
N PHE B 414 -23.97 -19.47 -12.43
CA PHE B 414 -23.52 -19.77 -13.79
C PHE B 414 -22.28 -20.68 -13.74
N ARG B 415 -21.34 -20.35 -12.84
CA ARG B 415 -20.07 -21.07 -12.76
C ARG B 415 -20.26 -22.58 -12.52
N LYS B 416 -21.22 -22.92 -11.66
CA LYS B 416 -21.51 -24.32 -11.33
C LYS B 416 -21.84 -25.16 -12.57
N ASP B 417 -22.33 -24.53 -13.62
CA ASP B 417 -22.74 -25.26 -14.81
C ASP B 417 -21.63 -25.44 -15.83
N HIS B 418 -20.39 -25.07 -15.49
CA HIS B 418 -19.36 -25.09 -16.52
C HIS B 418 -18.07 -25.73 -16.08
N ASP B 419 -17.94 -26.98 -16.46
CA ASP B 419 -16.84 -27.84 -16.08
C ASP B 419 -15.46 -27.29 -16.49
N ALA B 420 -15.42 -26.53 -17.58
CA ALA B 420 -14.15 -25.93 -18.03
C ALA B 420 -13.59 -24.99 -16.97
N ILE B 421 -14.48 -24.31 -16.24
CA ILE B 421 -14.05 -23.42 -15.16
C ILE B 421 -13.80 -24.20 -13.88
N LEU B 422 -14.68 -25.16 -13.58
CA LEU B 422 -14.57 -25.94 -12.36
C LEU B 422 -13.33 -26.81 -12.34
N ASN B 423 -12.92 -27.29 -13.51
CA ASN B 423 -11.88 -28.32 -13.59
C ASN B 423 -10.84 -28.14 -14.70
N GLY B 424 -11.03 -27.14 -15.54
CA GLY B 424 -10.27 -27.05 -16.77
C GLY B 424 -8.88 -26.41 -16.67
N ASP B 425 -8.10 -26.57 -17.74
CA ASP B 425 -6.83 -25.89 -17.86
C ASP B 425 -7.09 -24.45 -18.31
N GLN B 426 -6.03 -23.72 -18.61
CA GLN B 426 -6.19 -22.36 -19.09
C GLN B 426 -5.12 -22.04 -20.11
N THR B 427 -5.51 -21.33 -21.16
CA THR B 427 -4.55 -20.82 -22.12
C THR B 427 -4.83 -19.34 -22.39
N ILE B 428 -3.86 -18.49 -22.06
CA ILE B 428 -4.05 -17.05 -22.30
C ILE B 428 -4.05 -16.77 -23.80
N PHE B 429 -4.99 -15.96 -24.24
CA PHE B 429 -5.14 -15.61 -25.66
C PHE B 429 -4.77 -14.14 -25.88
N ARG B 430 -5.25 -13.27 -24.99
CA ARG B 430 -4.87 -11.85 -24.99
C ARG B 430 -4.61 -11.39 -23.55
N ASP B 431 -3.63 -10.53 -23.36
CA ASP B 431 -3.29 -10.05 -22.02
C ASP B 431 -2.92 -8.57 -22.11
N TRP B 432 -3.88 -7.77 -22.57
CA TRP B 432 -3.69 -6.33 -22.72
C TRP B 432 -4.54 -5.58 -21.71
N LYS B 433 -4.16 -4.33 -21.46
CA LYS B 433 -4.92 -3.45 -20.56
C LYS B 433 -6.41 -3.45 -20.88
N ASN B 434 -6.73 -3.41 -22.17
CA ASN B 434 -8.12 -3.33 -22.57
C ASN B 434 -8.62 -4.57 -23.31
N LEU B 435 -7.93 -5.69 -23.10
CA LEU B 435 -8.41 -6.97 -23.62
C LEU B 435 -7.71 -8.13 -22.89
N ILE B 436 -8.44 -8.70 -21.93
CA ILE B 436 -8.06 -9.93 -21.27
C ILE B 436 -8.88 -11.05 -21.89
N ALA B 437 -8.21 -12.06 -22.43
CA ALA B 437 -8.91 -13.17 -23.08
C ALA B 437 -8.15 -14.46 -22.84
N PHE B 438 -8.88 -15.50 -22.43
CA PHE B 438 -8.26 -16.77 -22.12
C PHE B 438 -9.23 -17.91 -22.34
N TYR B 439 -8.70 -19.03 -22.80
CA TYR B 439 -9.48 -20.26 -22.91
C TYR B 439 -9.47 -21.00 -21.58
N ARG B 440 -10.59 -21.65 -21.27
CA ARG B 440 -10.64 -22.64 -20.20
C ARG B 440 -11.10 -23.93 -20.86
N GLU B 441 -10.39 -25.03 -20.62
CA GLU B 441 -10.78 -26.28 -21.26
C GLU B 441 -10.58 -27.49 -20.36
N SER B 442 -11.64 -28.26 -20.18
CA SER B 442 -11.55 -29.57 -19.56
C SER B 442 -11.81 -30.61 -20.63
N SER B 443 -11.88 -31.88 -20.24
CA SER B 443 -12.19 -32.92 -21.22
C SER B 443 -13.62 -32.77 -21.74
N ASN B 444 -14.45 -31.99 -21.05
CA ASN B 444 -15.87 -31.91 -21.37
C ASN B 444 -16.35 -30.62 -21.99
N GLU B 445 -15.53 -29.58 -21.90
CA GLU B 445 -15.98 -28.25 -22.30
C GLU B 445 -14.82 -27.35 -22.65
N LYS B 446 -15.02 -26.49 -23.65
CA LYS B 446 -14.05 -25.46 -23.99
C LYS B 446 -14.71 -24.09 -24.06
N LEU B 447 -14.19 -23.15 -23.28
CA LEU B 447 -14.72 -21.78 -23.23
C LEU B 447 -13.66 -20.76 -23.60
N LEU B 448 -14.09 -19.65 -24.18
CA LEU B 448 -13.22 -18.48 -24.30
C LEU B 448 -13.85 -17.38 -23.46
N VAL B 449 -13.09 -16.87 -22.49
CA VAL B 449 -13.57 -15.80 -21.62
C VAL B 449 -12.89 -14.51 -22.02
N VAL B 450 -13.65 -13.45 -22.23
CA VAL B 450 -13.05 -12.16 -22.57
C VAL B 450 -13.59 -11.03 -21.69
N LEU B 451 -12.69 -10.09 -21.36
CA LEU B 451 -13.03 -8.96 -20.50
C LEU B 451 -12.22 -7.73 -20.92
N ASN B 452 -12.89 -6.59 -21.04
CA ASN B 452 -12.20 -5.33 -21.26
C ASN B 452 -12.40 -4.44 -20.03
N PRO B 453 -11.38 -4.34 -19.15
CA PRO B 453 -11.51 -3.52 -17.94
C PRO B 453 -11.33 -2.03 -18.17
N ASP B 454 -10.91 -1.64 -19.37
CA ASP B 454 -10.62 -0.24 -19.69
C ASP B 454 -11.94 0.53 -19.81
N PRO B 455 -12.03 1.71 -19.16
CA PRO B 455 -13.30 2.45 -19.21
C PRO B 455 -13.49 3.24 -20.50
N VAL B 456 -12.45 3.35 -21.32
CA VAL B 456 -12.50 4.24 -22.47
C VAL B 456 -12.33 3.55 -23.83
N TRP B 457 -11.37 2.63 -23.92
CA TRP B 457 -10.92 2.15 -25.23
C TRP B 457 -11.33 0.72 -25.57
N GLN B 458 -12.07 0.56 -26.65
CA GLN B 458 -12.48 -0.76 -27.10
C GLN B 458 -11.26 -1.51 -27.62
N ASN B 459 -11.40 -2.82 -27.78
CA ASN B 459 -10.42 -3.59 -28.54
C ASN B 459 -11.17 -4.70 -29.26
N SER B 460 -10.45 -5.53 -30.01
CA SER B 460 -11.12 -6.59 -30.75
C SER B 460 -10.20 -7.76 -30.98
N PHE B 461 -10.76 -8.86 -31.46
CA PHE B 461 -9.98 -10.04 -31.82
C PHE B 461 -10.72 -10.84 -32.90
N THR B 462 -10.02 -11.78 -33.52
CA THR B 462 -10.62 -12.67 -34.50
C THR B 462 -10.78 -14.07 -33.93
N PHE B 463 -11.96 -14.65 -34.04
CA PHE B 463 -12.21 -16.00 -33.56
C PHE B 463 -11.30 -17.02 -34.25
N GLU B 464 -10.74 -17.93 -33.47
CA GLU B 464 -9.90 -18.98 -34.01
C GLU B 464 -10.70 -20.22 -34.42
N GLU B 465 -11.91 -20.33 -33.91
CA GLU B 465 -12.79 -21.45 -34.24
C GLU B 465 -14.22 -21.03 -34.01
N ASN B 466 -15.16 -21.81 -34.52
CA ASN B 466 -16.57 -21.51 -34.32
C ASN B 466 -16.89 -21.59 -32.86
N MET B 467 -17.62 -20.60 -32.34
CA MET B 467 -18.02 -20.60 -30.94
C MET B 467 -19.36 -19.90 -30.76
N THR B 468 -20.02 -20.22 -29.64
CA THR B 468 -21.30 -19.59 -29.31
C THR B 468 -21.20 -18.74 -28.06
N MET B 469 -21.59 -17.47 -28.16
CA MET B 469 -21.68 -16.61 -26.99
C MET B 469 -22.75 -17.16 -26.06
N ILE B 470 -22.39 -17.44 -24.81
CA ILE B 470 -23.36 -17.92 -23.83
C ILE B 470 -23.48 -16.98 -22.62
N LEU B 471 -22.66 -15.94 -22.57
CA LEU B 471 -22.81 -14.92 -21.54
C LEU B 471 -22.29 -13.59 -22.05
N GLU B 472 -23.04 -12.54 -21.71
CA GLU B 472 -22.66 -11.16 -21.99
C GLU B 472 -22.84 -10.35 -20.72
N VAL B 473 -21.85 -9.54 -20.37
CA VAL B 473 -22.00 -8.63 -19.25
C VAL B 473 -21.62 -7.22 -19.67
N ASP B 474 -22.51 -6.29 -19.38
CA ASP B 474 -22.25 -4.87 -19.59
C ASP B 474 -22.08 -4.23 -18.22
N PHE B 475 -20.83 -3.98 -17.79
CA PHE B 475 -20.61 -3.45 -16.45
C PHE B 475 -21.01 -1.97 -16.33
N GLU B 476 -20.95 -1.23 -17.44
CA GLU B 476 -21.32 0.19 -17.38
C GLU B 476 -22.83 0.39 -17.18
N ASN B 477 -23.64 -0.39 -17.87
CA ASN B 477 -25.09 -0.36 -17.65
C ASN B 477 -25.51 -1.35 -16.55
N PHE B 478 -24.53 -2.13 -16.11
CA PHE B 478 -24.70 -3.18 -15.08
C PHE B 478 -25.89 -4.09 -15.37
N ILE B 479 -25.84 -4.67 -16.56
CA ILE B 479 -26.82 -5.68 -16.97
CA ILE B 479 -26.82 -5.65 -17.00
C ILE B 479 -26.08 -6.85 -17.58
N TRP B 480 -26.72 -8.01 -17.57
CA TRP B 480 -26.10 -9.21 -18.13
C TRP B 480 -27.18 -10.10 -18.71
N ASN B 481 -26.81 -10.96 -19.65
CA ASN B 481 -27.77 -11.89 -20.24
C ASN B 481 -27.07 -13.11 -20.82
N GLU B 482 -27.84 -14.16 -21.05
CA GLU B 482 -27.32 -15.39 -21.60
C GLU B 482 -27.82 -15.70 -23.02
N SER B 483 -28.21 -14.67 -23.77
CA SER B 483 -28.69 -14.90 -25.14
C SER B 483 -27.59 -15.50 -26.02
N ASN B 484 -27.88 -16.64 -26.65
CA ASN B 484 -26.92 -17.33 -27.50
C ASN B 484 -26.79 -16.70 -28.88
N VAL B 485 -25.55 -16.52 -29.32
CA VAL B 485 -25.25 -15.98 -30.64
C VAL B 485 -24.06 -16.75 -31.20
N SER B 486 -24.19 -17.25 -32.43
CA SER B 486 -23.13 -18.02 -33.06
C SER B 486 -22.12 -17.12 -33.75
N PHE B 487 -20.85 -17.51 -33.65
CA PHE B 487 -19.77 -16.82 -34.34
C PHE B 487 -18.89 -17.82 -35.08
N SER B 488 -18.39 -17.42 -36.25
CA SER B 488 -17.57 -18.32 -37.06
C SER B 488 -16.08 -18.04 -36.92
N ALA B 489 -15.27 -19.09 -37.06
CA ALA B 489 -13.83 -18.91 -37.23
C ALA B 489 -13.58 -17.79 -38.25
N GLY B 490 -12.63 -16.91 -37.95
CA GLY B 490 -12.29 -15.85 -38.88
C GLY B 490 -13.09 -14.56 -38.73
N GLU B 491 -14.14 -14.60 -37.94
CA GLU B 491 -14.99 -13.44 -37.68
C GLU B 491 -14.36 -12.52 -36.63
N SER B 492 -14.43 -11.21 -36.88
CA SER B 492 -13.89 -10.22 -35.95
C SER B 492 -14.94 -9.87 -34.90
N PHE B 493 -14.51 -9.75 -33.64
CA PHE B 493 -15.41 -9.42 -32.55
C PHE B 493 -14.88 -8.22 -31.77
N THR B 494 -15.70 -7.19 -31.60
CA THR B 494 -15.29 -6.00 -30.86
C THR B 494 -15.71 -6.08 -29.38
N VAL B 495 -14.76 -5.89 -28.48
CA VAL B 495 -15.08 -5.87 -27.05
C VAL B 495 -15.06 -4.43 -26.55
N ASP B 496 -16.25 -3.88 -26.29
CA ASP B 496 -16.39 -2.52 -25.81
C ASP B 496 -15.81 -2.35 -24.39
N PRO B 497 -15.49 -1.09 -24.01
CA PRO B 497 -15.05 -0.77 -22.65
C PRO B 497 -16.00 -1.35 -21.61
N MET B 498 -15.45 -2.00 -20.60
CA MET B 498 -16.22 -2.51 -19.48
C MET B 498 -17.32 -3.47 -19.91
N LYS B 499 -16.99 -4.34 -20.84
CA LYS B 499 -17.86 -5.48 -21.14
C LYS B 499 -17.08 -6.79 -20.98
N ALA B 500 -17.83 -7.88 -20.77
CA ALA B 500 -17.24 -9.21 -20.72
C ALA B 500 -18.14 -10.20 -21.43
N TYR B 501 -17.56 -11.29 -21.92
CA TYR B 501 -18.29 -12.32 -22.65
C TYR B 501 -17.72 -13.68 -22.36
N ILE B 502 -18.56 -14.70 -22.45
CA ILE B 502 -18.06 -16.05 -22.44
C ILE B 502 -18.62 -16.77 -23.67
N PHE B 503 -17.73 -17.39 -24.44
CA PHE B 503 -18.10 -18.13 -25.64
C PHE B 503 -17.80 -19.60 -25.41
N LYS B 504 -18.58 -20.47 -26.03
CA LYS B 504 -18.41 -21.89 -25.84
C LYS B 504 -18.26 -22.63 -27.17
N LYS B 505 -17.32 -23.57 -27.22
CA LYS B 505 -17.17 -24.41 -28.39
C LYS B 505 -18.34 -25.39 -28.44
NA NA C . -0.14 14.94 20.12
NA NA D . 2.28 32.75 10.30
NA NA E . -5.03 16.61 -17.69
NA NA F . -2.77 10.25 -18.03
K K G . -0.89 16.90 -5.73
CA CA H . 7.61 15.31 20.12
C1 EDO I . -9.81 7.19 9.63
O1 EDO I . -10.53 7.52 8.43
C2 EDO I . -9.01 5.91 9.41
O2 EDO I . -8.11 6.08 8.31
C1 EDO J . 11.54 -4.25 -13.67
O1 EDO J . 10.88 -3.04 -13.26
C2 EDO J . 12.54 -3.91 -14.78
O2 EDO J . 13.16 -2.65 -14.49
C1 EDO K . 24.44 21.10 15.83
O1 EDO K . 23.12 21.25 16.37
C2 EDO K . 25.39 20.53 16.88
O2 EDO K . 25.14 19.13 17.10
C1 EDO L . -4.69 35.71 -23.18
O1 EDO L . -5.94 35.74 -22.46
C2 EDO L . -4.47 34.30 -23.74
O2 EDO L . -5.49 33.95 -24.69
C1 EDO M . -3.83 16.39 -6.27
O1 EDO M . -3.13 15.23 -5.85
C2 EDO M . -3.32 16.79 -7.66
O2 EDO M . -2.85 18.15 -7.65
C1 EDO N . -7.20 13.68 -22.73
O1 EDO N . -6.15 13.50 -23.67
C2 EDO N . -7.17 15.06 -22.08
O2 EDO N . -7.99 15.03 -20.90
C TRS O . 17.36 11.98 23.33
C1 TRS O . 15.89 11.91 23.75
C2 TRS O . 18.03 10.63 23.58
C3 TRS O . 18.11 13.04 24.14
N TRS O . 17.43 12.34 21.90
O1 TRS O . 15.39 13.22 23.95
O2 TRS O . 17.29 9.59 22.97
O3 TRS O . 19.51 12.89 23.89
NA NA P . -21.96 3.15 11.52
NA NA Q . -23.57 -15.57 20.18
NA NA R . 8.37 -19.55 12.57
NA NA S . 10.41 -16.81 6.72
K K T . -2.85 -14.18 10.98
CA CA U . -25.90 -0.58 5.98
C1 EDO V . -5.98 5.93 12.88
O1 EDO V . -5.24 4.94 13.62
C2 EDO V . -6.23 5.42 11.46
O2 EDO V . -4.99 5.08 10.81
C1 EDO W . -27.82 2.57 -3.18
O1 EDO W . -28.51 1.40 -2.71
C2 EDO W . -26.73 3.04 -2.22
O2 EDO W . -25.80 1.99 -1.87
C1 EDO X . -31.03 -11.73 5.65
O1 EDO X . -31.43 -10.38 5.41
C2 EDO X . -31.15 -12.58 4.38
O2 EDO X . -30.24 -13.69 4.46
C1 EDO Y . 13.51 -20.50 12.47
O1 EDO Y . 13.18 -19.56 13.51
C2 EDO Y . 14.83 -20.10 11.80
O2 EDO Y . 14.97 -20.71 10.51
C1 EDO Z . -31.07 -16.53 3.23
O1 EDO Z . -31.80 -17.71 2.88
C2 EDO Z . -31.00 -15.58 2.04
O2 EDO Z . -30.47 -16.27 0.91
C1 EDO AA . -27.49 -31.08 -1.38
O1 EDO AA . -26.10 -31.41 -1.51
C2 EDO AA . -27.68 -29.56 -1.32
O2 EDO AA . -27.17 -28.97 -2.52
C1 EDO BA . 6.80 -12.16 -13.07
O1 EDO BA . 6.10 -13.38 -12.81
C2 EDO BA . 6.51 -11.16 -11.94
O2 EDO BA . 6.52 -9.83 -12.50
C1 EDO CA . 3.41 -23.59 -7.14
O1 EDO CA . 2.83 -22.65 -8.10
C2 EDO CA . 4.44 -24.54 -7.75
O2 EDO CA . 5.19 -25.13 -6.67
C1 EDO DA . -30.06 -27.49 7.45
O1 EDO DA . -29.95 -27.38 6.03
C2 EDO DA . -29.35 -28.78 7.88
O2 EDO DA . -29.34 -29.72 6.80
C1 EDO EA . -0.11 -12.93 12.54
O1 EDO EA . -0.89 -12.38 11.47
C2 EDO EA . -0.94 -13.93 13.34
O2 EDO EA . -0.96 -15.23 12.71
#